data_3FKB
#
_entry.id   3FKB
#
_cell.length_a   69.420
_cell.length_b   104.570
_cell.length_c   69.210
_cell.angle_alpha   90.00
_cell.angle_beta   117.96
_cell.angle_gamma   90.00
#
_symmetry.space_group_name_H-M   'P 1 21 1'
#
loop_
_entity.id
_entity.type
_entity.pdbx_description
1 polymer 'Nucleoside diphosphate kinase, cytosolic'
2 non-polymer '[(2R)-1-(6-aminopurin-9-yl)propan-2-yl]oxymethyl-phosphonooxy-phosphinic acid'
3 non-polymer 'MAGNESIUM ION'
4 non-polymer 1,2-ETHANEDIOL
5 non-polymer GLYCEROL
6 non-polymer [2-(6-AMINO-9H-PURIN-9-YL)-1-METHYLETHOXY]METHYL-TRIPHOSPHATE
7 water water
#
_entity_poly.entity_id   1
_entity_poly.type   'polypeptide(L)'
_entity_poly.pdbx_seq_one_letter_code
;MSTNKVNKERTFLAVKPDGVARGLVGEIIARYEKKGFVLVGLKQLVPTKDLAESHYAEHKERPFFGGLVSFITSGPVVAM
VFEGKGVVASARLMIGVTNPLASAPGSIRGDFGVDVGRNIIGGSDSVESANREIALWFKPEELLTEVKPNPNLYE
;
_entity_poly.pdbx_strand_id   A,B,C,D,E,F
#
# COMPACT_ATOMS: atom_id res chain seq x y z
N VAL A 6 2.38 26.23 18.74
CA VAL A 6 1.74 25.25 19.65
C VAL A 6 1.25 24.03 18.86
N ASN A 7 0.84 23.00 19.56
CA ASN A 7 0.35 21.79 18.91
C ASN A 7 -1.08 21.96 18.40
N LYS A 8 -1.64 23.17 18.56
CA LYS A 8 -2.99 23.44 18.10
C LYS A 8 -3.03 24.23 16.79
N GLU A 9 -1.88 24.39 16.15
CA GLU A 9 -1.83 25.10 14.87
C GLU A 9 -2.74 24.38 13.87
N ARG A 10 -3.33 25.12 12.95
CA ARG A 10 -4.21 24.53 11.95
C ARG A 10 -3.91 25.02 10.54
N THR A 11 -4.20 24.19 9.55
CA THR A 11 -3.99 24.59 8.16
C THR A 11 -5.17 24.16 7.31
N PHE A 12 -5.38 24.88 6.22
CA PHE A 12 -6.47 24.56 5.29
C PHE A 12 -5.90 23.87 4.06
N LEU A 13 -6.51 22.76 3.68
CA LEU A 13 -6.10 22.02 2.50
C LEU A 13 -7.30 21.81 1.61
N ALA A 14 -7.13 22.03 0.32
CA ALA A 14 -8.21 21.81 -0.62
C ALA A 14 -7.78 20.82 -1.68
N VAL A 15 -8.45 19.68 -1.75
CA VAL A 15 -8.15 18.71 -2.80
C VAL A 15 -8.97 19.30 -3.94
N LYS A 16 -8.29 19.82 -4.95
CA LYS A 16 -8.97 20.47 -6.06
C LYS A 16 -9.72 19.54 -7.00
N PRO A 17 -10.55 20.11 -7.90
CA PRO A 17 -11.32 19.28 -8.83
C PRO A 17 -10.56 18.16 -9.52
N ASP A 18 -9.29 18.40 -9.88
CA ASP A 18 -8.54 17.34 -10.54
C ASP A 18 -8.22 16.22 -9.55
N GLY A 19 -7.89 16.58 -8.32
CA GLY A 19 -7.59 15.58 -7.31
C GLY A 19 -8.81 14.73 -7.00
N VAL A 20 -9.97 15.36 -6.93
CA VAL A 20 -11.20 14.63 -6.65
C VAL A 20 -11.59 13.73 -7.82
N ALA A 21 -11.51 14.28 -9.03
CA ALA A 21 -11.86 13.52 -10.24
C ALA A 21 -10.95 12.32 -10.47
N ARG A 22 -9.70 12.41 -10.01
CA ARG A 22 -8.75 11.32 -10.18
C ARG A 22 -8.75 10.33 -9.04
N GLY A 23 -9.71 10.49 -8.13
CA GLY A 23 -9.87 9.59 -6.99
C GLY A 23 -8.72 9.57 -6.00
N LEU A 24 -8.20 10.73 -5.67
CA LEU A 24 -7.08 10.84 -4.73
C LEU A 24 -7.46 11.37 -3.35
N VAL A 25 -8.75 11.56 -3.10
CA VAL A 25 -9.18 12.10 -1.82
C VAL A 25 -8.76 11.24 -0.63
N GLY A 26 -9.08 9.95 -0.69
CA GLY A 26 -8.72 9.05 0.39
C GLY A 26 -7.22 8.94 0.59
N GLU A 27 -6.49 8.82 -0.51
CA GLU A 27 -5.03 8.71 -0.47
C GLU A 27 -4.43 9.89 0.29
N ILE A 28 -4.88 11.08 -0.06
CA ILE A 28 -4.38 12.31 0.57
C ILE A 28 -4.73 12.40 2.05
N ILE A 29 -6.01 12.18 2.38
CA ILE A 29 -6.44 12.24 3.77
C ILE A 29 -5.62 11.24 4.61
N ALA A 30 -5.40 10.05 4.06
CA ALA A 30 -4.63 9.02 4.75
C ALA A 30 -3.20 9.46 5.04
N ARG A 31 -2.58 10.17 4.12
CA ARG A 31 -1.22 10.64 4.35
C ARG A 31 -1.15 11.55 5.56
N TYR A 32 -2.14 12.44 5.70
CA TYR A 32 -2.15 13.36 6.83
C TYR A 32 -2.53 12.65 8.13
N GLU A 33 -3.39 11.64 8.05
CA GLU A 33 -3.76 10.89 9.25
C GLU A 33 -2.57 10.11 9.77
N LYS A 34 -1.84 9.46 8.87
CA LYS A 34 -0.67 8.68 9.23
C LYS A 34 0.41 9.54 9.85
N LYS A 35 0.48 10.79 9.40
CA LYS A 35 1.48 11.74 9.90
C LYS A 35 1.20 12.07 11.36
N GLY A 36 -0.06 11.99 11.75
CA GLY A 36 -0.43 12.29 13.13
C GLY A 36 -1.31 13.52 13.27
N PHE A 37 -1.54 14.23 12.17
CA PHE A 37 -2.38 15.43 12.23
C PHE A 37 -3.83 15.03 12.38
N VAL A 38 -4.59 15.85 13.09
CA VAL A 38 -6.01 15.58 13.34
C VAL A 38 -6.95 16.36 12.45
N LEU A 39 -7.91 15.67 11.86
CA LEU A 39 -8.89 16.29 10.99
C LEU A 39 -9.90 17.03 11.86
N VAL A 40 -9.96 18.36 11.73
CA VAL A 40 -10.91 19.14 12.52
C VAL A 40 -12.03 19.75 11.67
N GLY A 41 -11.90 19.61 10.36
CA GLY A 41 -12.92 20.12 9.45
C GLY A 41 -12.86 19.33 8.16
N LEU A 42 -14.01 18.96 7.61
CA LEU A 42 -14.05 18.19 6.36
C LEU A 42 -15.39 18.29 5.65
N LYS A 43 -15.35 18.53 4.35
CA LYS A 43 -16.57 18.61 3.56
C LYS A 43 -16.31 18.72 2.07
N GLN A 44 -17.23 18.19 1.27
CA GLN A 44 -17.10 18.32 -0.17
C GLN A 44 -18.11 19.39 -0.58
N LEU A 45 -17.70 20.23 -1.52
CA LEU A 45 -18.57 21.29 -2.01
C LEU A 45 -18.07 21.74 -3.37
N VAL A 46 -18.90 22.50 -4.08
CA VAL A 46 -18.51 23.06 -5.37
C VAL A 46 -18.38 24.54 -5.04
N PRO A 47 -17.14 25.03 -4.90
CA PRO A 47 -16.87 26.44 -4.57
C PRO A 47 -17.57 27.43 -5.49
N THR A 48 -18.06 28.52 -4.91
CA THR A 48 -18.73 29.57 -5.67
C THR A 48 -17.62 30.49 -6.16
N LYS A 49 -17.93 31.30 -7.17
CA LYS A 49 -16.95 32.23 -7.73
C LYS A 49 -16.49 33.20 -6.64
N ASP A 50 -17.40 33.64 -5.78
CA ASP A 50 -17.05 34.55 -4.71
C ASP A 50 -16.04 33.93 -3.76
N LEU A 51 -16.29 32.67 -3.36
CA LEU A 51 -15.37 31.99 -2.46
C LEU A 51 -14.00 31.86 -3.12
N ALA A 52 -14.01 31.42 -4.36
CA ALA A 52 -12.78 31.24 -5.13
C ALA A 52 -11.97 32.52 -5.26
N GLU A 53 -12.63 33.63 -5.57
CA GLU A 53 -11.93 34.90 -5.72
C GLU A 53 -11.36 35.39 -4.40
N SER A 54 -12.02 35.06 -3.29
CA SER A 54 -11.54 35.47 -1.98
C SER A 54 -10.35 34.59 -1.60
N HIS A 55 -10.43 33.30 -1.98
CA HIS A 55 -9.36 32.37 -1.69
C HIS A 55 -8.05 32.79 -2.36
N TYR A 56 -8.13 33.15 -3.63
CA TYR A 56 -6.95 33.57 -4.40
C TYR A 56 -6.80 35.09 -4.50
N ALA A 57 -7.39 35.80 -3.54
CA ALA A 57 -7.35 37.27 -3.54
C ALA A 57 -5.98 37.92 -3.74
N GLU A 58 -4.92 37.30 -3.21
CA GLU A 58 -3.58 37.88 -3.36
C GLU A 58 -3.14 37.93 -4.82
N HIS A 59 -3.76 37.12 -5.67
CA HIS A 59 -3.40 37.06 -7.09
C HIS A 59 -4.44 37.73 -7.99
N LYS A 60 -5.38 38.48 -7.40
CA LYS A 60 -6.42 39.12 -8.19
C LYS A 60 -5.96 40.01 -9.33
N GLU A 61 -4.77 40.60 -9.21
CA GLU A 61 -4.25 41.47 -10.26
C GLU A 61 -3.38 40.71 -11.26
N ARG A 62 -3.17 39.43 -11.01
CA ARG A 62 -2.35 38.61 -11.89
C ARG A 62 -3.14 38.05 -13.07
N PRO A 63 -2.46 37.83 -14.21
CA PRO A 63 -3.07 37.29 -15.44
C PRO A 63 -3.69 35.91 -15.28
N PHE A 64 -3.09 35.08 -14.45
CA PHE A 64 -3.58 33.72 -14.23
C PHE A 64 -4.69 33.62 -13.19
N PHE A 65 -5.09 34.76 -12.63
CA PHE A 65 -6.14 34.78 -11.62
C PHE A 65 -7.42 34.13 -12.13
N GLY A 66 -7.88 34.58 -13.29
CA GLY A 66 -9.11 34.05 -13.86
C GLY A 66 -9.12 32.53 -13.99
N GLY A 67 -8.01 31.98 -14.44
CA GLY A 67 -7.90 30.53 -14.61
C GLY A 67 -7.93 29.77 -13.29
N LEU A 68 -7.33 30.34 -12.26
CA LEU A 68 -7.32 29.69 -10.95
C LEU A 68 -8.74 29.61 -10.41
N VAL A 69 -9.45 30.73 -10.48
CA VAL A 69 -10.83 30.82 -10.01
C VAL A 69 -11.76 29.90 -10.81
N SER A 70 -11.62 29.94 -12.13
CA SER A 70 -12.44 29.11 -13.00
C SER A 70 -12.25 27.62 -12.72
N PHE A 71 -11.00 27.20 -12.53
CA PHE A 71 -10.77 25.79 -12.28
C PHE A 71 -11.25 25.27 -10.93
N ILE A 72 -10.94 25.98 -9.86
CA ILE A 72 -11.36 25.50 -8.54
C ILE A 72 -12.88 25.49 -8.39
N THR A 73 -13.58 26.17 -9.31
CA THR A 73 -15.05 26.19 -9.27
C THR A 73 -15.64 25.28 -10.34
N SER A 74 -14.79 24.59 -11.09
CA SER A 74 -15.22 23.73 -12.19
C SER A 74 -15.83 22.39 -11.78
N GLY A 75 -15.70 22.03 -10.51
CA GLY A 75 -16.23 20.76 -10.05
C GLY A 75 -16.11 20.62 -8.55
N PRO A 76 -16.46 19.46 -7.99
CA PRO A 76 -16.36 19.24 -6.55
C PRO A 76 -14.95 19.34 -5.99
N VAL A 77 -14.87 19.90 -4.79
CA VAL A 77 -13.62 20.07 -4.08
C VAL A 77 -13.81 19.51 -2.68
N VAL A 78 -12.78 18.87 -2.13
CA VAL A 78 -12.85 18.36 -0.77
C VAL A 78 -11.99 19.28 0.08
N ALA A 79 -12.65 20.07 0.91
CA ALA A 79 -12.01 21.03 1.79
C ALA A 79 -11.78 20.41 3.16
N MET A 80 -10.60 20.62 3.72
CA MET A 80 -10.30 20.06 5.03
C MET A 80 -9.39 20.94 5.86
N VAL A 81 -9.46 20.74 7.17
CA VAL A 81 -8.62 21.48 8.09
C VAL A 81 -7.94 20.46 9.00
N PHE A 82 -6.62 20.55 9.09
CA PHE A 82 -5.85 19.64 9.93
C PHE A 82 -5.16 20.43 11.04
N GLU A 83 -5.06 19.81 12.21
CA GLU A 83 -4.44 20.43 13.36
C GLU A 83 -3.26 19.63 13.91
N GLY A 84 -2.20 20.33 14.29
CA GLY A 84 -1.02 19.69 14.84
C GLY A 84 0.18 20.61 14.85
N LYS A 85 1.24 20.21 15.55
CA LYS A 85 2.44 21.03 15.61
C LYS A 85 3.05 21.26 14.24
N GLY A 86 3.29 22.53 13.91
CA GLY A 86 3.87 22.90 12.63
C GLY A 86 3.16 22.34 11.41
N VAL A 87 1.86 22.09 11.52
CA VAL A 87 1.09 21.53 10.42
C VAL A 87 1.10 22.35 9.12
N VAL A 88 1.15 23.68 9.21
CA VAL A 88 1.14 24.48 7.99
C VAL A 88 2.36 24.18 7.12
N ALA A 89 3.55 24.35 7.67
CA ALA A 89 4.78 24.10 6.94
C ALA A 89 4.93 22.62 6.57
N SER A 90 4.54 21.73 7.47
CA SER A 90 4.64 20.30 7.21
C SER A 90 3.74 19.88 6.05
N ALA A 91 2.52 20.40 6.05
CA ALA A 91 1.57 20.06 4.98
C ALA A 91 2.12 20.49 3.62
N ARG A 92 2.77 21.66 3.57
CA ARG A 92 3.33 22.14 2.31
C ARG A 92 4.47 21.21 1.87
N LEU A 93 5.29 20.77 2.81
CA LEU A 93 6.40 19.87 2.51
C LEU A 93 5.87 18.53 2.00
N MET A 94 4.78 18.06 2.60
CA MET A 94 4.18 16.79 2.20
C MET A 94 3.56 16.86 0.81
N ILE A 95 3.15 18.05 0.39
CA ILE A 95 2.54 18.27 -0.92
C ILE A 95 3.60 18.38 -2.02
N GLY A 96 4.66 19.11 -1.73
CA GLY A 96 5.74 19.29 -2.69
C GLY A 96 5.83 20.76 -3.07
N VAL A 97 6.39 21.05 -4.25
CA VAL A 97 6.49 22.43 -4.69
C VAL A 97 5.40 22.72 -5.72
N THR A 98 5.25 23.99 -6.07
CA THR A 98 4.22 24.40 -7.02
C THR A 98 4.17 23.57 -8.29
N ASN A 99 5.34 23.26 -8.85
CA ASN A 99 5.45 22.47 -10.06
C ASN A 99 5.59 20.99 -9.71
N PRO A 100 4.53 20.19 -9.98
CA PRO A 100 4.57 18.76 -9.67
C PRO A 100 5.75 18.01 -10.28
N LEU A 101 6.17 18.40 -11.48
CA LEU A 101 7.30 17.71 -12.11
C LEU A 101 8.61 17.89 -11.35
N ALA A 102 8.76 19.00 -10.64
CA ALA A 102 9.97 19.27 -9.88
C ALA A 102 9.88 18.76 -8.44
N SER A 103 8.72 18.23 -8.06
CA SER A 103 8.51 17.71 -6.72
C SER A 103 9.09 16.30 -6.60
N ALA A 104 9.74 16.03 -5.48
CA ALA A 104 10.38 14.73 -5.25
C ALA A 104 9.38 13.59 -5.04
N PRO A 105 9.75 12.38 -5.49
CA PRO A 105 8.83 11.27 -5.27
C PRO A 105 8.68 11.12 -3.75
N GLY A 106 7.48 10.76 -3.31
CA GLY A 106 7.23 10.65 -1.88
C GLY A 106 6.25 11.74 -1.50
N SER A 107 6.32 12.88 -2.19
CA SER A 107 5.40 13.98 -1.93
C SER A 107 4.14 13.74 -2.77
N ILE A 108 3.06 14.39 -2.41
CA ILE A 108 1.80 14.22 -3.13
C ILE A 108 1.92 14.58 -4.61
N ARG A 109 2.38 15.79 -4.90
CA ARG A 109 2.52 16.21 -6.29
C ARG A 109 3.61 15.42 -6.99
N GLY A 110 4.67 15.07 -6.25
CA GLY A 110 5.75 14.31 -6.83
C GLY A 110 5.30 12.94 -7.28
N ASP A 111 4.34 12.35 -6.56
CA ASP A 111 3.83 11.02 -6.90
C ASP A 111 2.67 11.01 -7.89
N PHE A 112 1.86 12.06 -7.89
CA PHE A 112 0.66 12.10 -8.72
C PHE A 112 0.44 13.20 -9.76
N GLY A 113 1.22 14.26 -9.71
CA GLY A 113 0.99 15.36 -10.64
C GLY A 113 2.01 15.64 -11.72
N VAL A 114 1.58 16.36 -12.75
CA VAL A 114 2.46 16.71 -13.86
C VAL A 114 2.35 18.18 -14.29
N ASP A 115 1.20 18.79 -14.08
CA ASP A 115 0.98 20.18 -14.49
C ASP A 115 0.73 21.13 -13.32
N VAL A 116 1.26 22.35 -13.43
CA VAL A 116 1.08 23.35 -12.38
C VAL A 116 -0.40 23.70 -12.16
N GLY A 117 -1.17 23.76 -13.24
CA GLY A 117 -2.58 24.08 -13.14
C GLY A 117 -3.46 22.92 -12.72
N ARG A 118 -2.85 21.74 -12.65
CA ARG A 118 -3.56 20.53 -12.24
C ARG A 118 -2.64 19.91 -11.19
N ASN A 119 -2.40 20.66 -10.12
CA ASN A 119 -1.51 20.18 -9.08
C ASN A 119 -2.15 19.49 -7.89
N ILE A 120 -3.32 18.90 -8.15
CA ILE A 120 -4.05 18.08 -7.18
C ILE A 120 -4.60 18.68 -5.89
N ILE A 121 -3.73 19.32 -5.12
CA ILE A 121 -4.11 19.87 -3.83
C ILE A 121 -3.34 21.14 -3.54
N GLY A 122 -3.93 22.01 -2.71
CA GLY A 122 -3.26 23.24 -2.33
C GLY A 122 -3.46 23.49 -0.85
N GLY A 123 -2.37 23.76 -0.14
CA GLY A 123 -2.47 24.03 1.28
C GLY A 123 -2.08 25.46 1.62
N SER A 124 -2.51 25.93 2.79
CA SER A 124 -2.19 27.28 3.23
C SER A 124 -0.68 27.49 3.22
N ASP A 125 -0.23 28.65 2.75
CA ASP A 125 1.20 28.92 2.68
C ASP A 125 1.80 29.48 3.95
N SER A 126 0.97 29.78 4.95
CA SER A 126 1.45 30.32 6.22
C SER A 126 0.33 30.29 7.25
N VAL A 127 0.69 30.52 8.50
CA VAL A 127 -0.30 30.54 9.57
C VAL A 127 -1.32 31.65 9.32
N GLU A 128 -0.86 32.80 8.86
CA GLU A 128 -1.78 33.91 8.59
C GLU A 128 -2.78 33.53 7.50
N SER A 129 -2.28 32.95 6.41
CA SER A 129 -3.15 32.55 5.31
C SER A 129 -4.08 31.42 5.73
N ALA A 130 -3.58 30.52 6.58
CA ALA A 130 -4.37 29.40 7.06
C ALA A 130 -5.57 29.89 7.86
N ASN A 131 -5.33 30.77 8.82
CA ASN A 131 -6.42 31.28 9.63
C ASN A 131 -7.44 31.99 8.75
N ARG A 132 -6.96 32.71 7.73
CA ARG A 132 -7.84 33.42 6.83
C ARG A 132 -8.67 32.46 5.98
N GLU A 133 -8.01 31.44 5.43
CA GLU A 133 -8.69 30.46 4.60
C GLU A 133 -9.67 29.59 5.39
N ILE A 134 -9.29 29.20 6.60
CA ILE A 134 -10.17 28.38 7.41
C ILE A 134 -11.48 29.12 7.67
N ALA A 135 -11.39 30.40 8.00
CA ALA A 135 -12.57 31.22 8.27
C ALA A 135 -13.40 31.46 7.01
N LEU A 136 -12.75 31.43 5.86
CA LEU A 136 -13.42 31.63 4.58
C LEU A 136 -14.21 30.40 4.15
N TRP A 137 -13.59 29.24 4.29
CA TRP A 137 -14.21 27.99 3.86
C TRP A 137 -15.10 27.27 4.87
N PHE A 138 -14.85 27.49 6.16
CA PHE A 138 -15.64 26.80 7.18
C PHE A 138 -16.32 27.71 8.20
N LYS A 139 -17.53 27.32 8.60
CA LYS A 139 -18.26 28.05 9.62
C LYS A 139 -17.74 27.46 10.94
N PRO A 140 -17.71 28.27 12.00
CA PRO A 140 -17.23 27.77 13.29
C PRO A 140 -17.82 26.43 13.73
N GLU A 141 -19.12 26.25 13.49
CA GLU A 141 -19.81 25.02 13.88
C GLU A 141 -19.33 23.78 13.13
N GLU A 142 -18.62 23.99 12.02
CA GLU A 142 -18.13 22.87 11.22
C GLU A 142 -16.73 22.43 11.63
N LEU A 143 -16.17 23.08 12.64
CA LEU A 143 -14.83 22.76 13.11
C LEU A 143 -14.86 22.18 14.53
N LEU A 144 -14.10 21.12 14.74
CA LEU A 144 -14.05 20.50 16.06
C LEU A 144 -13.51 21.48 17.10
N THR A 145 -14.08 21.45 18.30
CA THR A 145 -13.65 22.32 19.38
C THR A 145 -12.91 21.48 20.42
N GLU A 146 -13.09 20.17 20.35
CA GLU A 146 -12.42 19.25 21.25
C GLU A 146 -11.50 18.38 20.41
N VAL A 147 -10.20 18.64 20.50
CA VAL A 147 -9.22 17.89 19.73
C VAL A 147 -8.19 17.23 20.62
N LYS A 148 -8.11 15.91 20.54
CA LYS A 148 -7.14 15.16 21.31
C LYS A 148 -6.52 14.07 20.44
N PRO A 149 -5.36 14.36 19.85
CA PRO A 149 -4.66 13.42 18.98
C PRO A 149 -4.20 12.18 19.73
N ASN A 150 -3.18 11.51 19.19
CA ASN A 150 -2.63 10.30 19.80
C ASN A 150 -1.48 10.70 20.73
N PRO A 151 -1.67 10.54 22.05
CA PRO A 151 -0.66 10.88 23.07
C PRO A 151 0.74 10.31 22.80
N ASN A 152 0.84 9.43 21.80
CA ASN A 152 2.12 8.85 21.43
C ASN A 152 2.80 9.76 20.42
N LEU A 153 2.10 10.82 20.04
CA LEU A 153 2.61 11.78 19.06
C LEU A 153 3.39 12.95 19.64
N TYR A 154 2.98 13.42 20.80
CA TYR A 154 3.63 14.56 21.43
C TYR A 154 4.25 14.26 22.79
N GLU A 155 5.42 14.82 23.01
CA GLU A 155 6.17 14.64 24.26
C GLU A 155 5.59 15.53 25.35
N VAL B 6 4.37 19.44 -26.23
CA VAL B 6 5.31 19.12 -25.11
C VAL B 6 4.79 17.96 -24.26
N ASN B 7 3.48 17.73 -24.29
CA ASN B 7 2.90 16.65 -23.52
C ASN B 7 3.07 15.30 -24.22
N LYS B 8 3.65 15.32 -25.41
CA LYS B 8 3.85 14.09 -26.19
C LYS B 8 5.25 13.51 -26.00
N GLU B 9 6.04 14.12 -25.12
CA GLU B 9 7.40 13.64 -24.85
C GLU B 9 7.35 12.19 -24.39
N ARG B 10 8.34 11.41 -24.78
CA ARG B 10 8.40 10.00 -24.39
C ARG B 10 9.76 9.61 -23.84
N THR B 11 9.78 8.57 -23.02
CA THR B 11 11.04 8.08 -22.47
C THR B 11 11.03 6.56 -22.44
N PHE B 12 12.22 5.98 -22.47
CA PHE B 12 12.37 4.53 -22.43
C PHE B 12 12.83 4.10 -21.05
N LEU B 13 12.14 3.11 -20.49
CA LEU B 13 12.47 2.58 -19.17
C LEU B 13 12.63 1.08 -19.28
N ALA B 14 13.66 0.56 -18.63
CA ALA B 14 13.88 -0.88 -18.66
C ALA B 14 14.02 -1.42 -17.25
N VAL B 15 13.12 -2.32 -16.87
CA VAL B 15 13.21 -2.95 -15.56
C VAL B 15 14.18 -4.08 -15.87
N LYS B 16 15.40 -3.95 -15.33
CA LYS B 16 16.46 -4.90 -15.57
C LYS B 16 16.24 -6.27 -14.92
N PRO B 17 17.06 -7.26 -15.30
CA PRO B 17 16.92 -8.62 -14.75
C PRO B 17 16.71 -8.71 -13.24
N ASP B 18 17.39 -7.84 -12.49
CA ASP B 18 17.24 -7.88 -11.04
C ASP B 18 15.86 -7.38 -10.61
N GLY B 19 15.36 -6.34 -11.27
CA GLY B 19 14.05 -5.82 -10.93
C GLY B 19 12.96 -6.84 -11.24
N VAL B 20 13.10 -7.55 -12.36
CA VAL B 20 12.12 -8.56 -12.75
C VAL B 20 12.19 -9.75 -11.79
N ALA B 21 13.40 -10.24 -11.54
CA ALA B 21 13.59 -11.39 -10.65
C ALA B 21 13.07 -11.14 -9.24
N ARG B 22 13.15 -9.89 -8.78
CA ARG B 22 12.70 -9.54 -7.44
C ARG B 22 11.21 -9.19 -7.37
N GLY B 23 10.51 -9.35 -8.49
CA GLY B 23 9.08 -9.07 -8.55
C GLY B 23 8.67 -7.62 -8.35
N LEU B 24 9.38 -6.71 -9.00
CA LEU B 24 9.09 -5.28 -8.87
C LEU B 24 8.48 -4.65 -10.11
N VAL B 25 8.13 -5.47 -11.10
CA VAL B 25 7.55 -4.93 -12.33
C VAL B 25 6.25 -4.17 -12.11
N GLY B 26 5.30 -4.80 -11.43
CA GLY B 26 4.02 -4.17 -11.17
C GLY B 26 4.15 -2.90 -10.33
N GLU B 27 4.94 -2.99 -9.26
CA GLU B 27 5.19 -1.86 -8.36
C GLU B 27 5.68 -0.66 -9.18
N ILE B 28 6.63 -0.92 -10.06
CA ILE B 28 7.20 0.13 -10.89
C ILE B 28 6.22 0.73 -11.89
N ILE B 29 5.53 -0.14 -12.63
CA ILE B 29 4.55 0.34 -13.60
C ILE B 29 3.48 1.18 -12.90
N ALA B 30 3.03 0.71 -11.74
CA ALA B 30 2.01 1.42 -10.97
C ALA B 30 2.45 2.84 -10.62
N ARG B 31 3.70 3.01 -10.23
CA ARG B 31 4.19 4.35 -9.88
C ARG B 31 4.06 5.31 -11.05
N TYR B 32 4.39 4.85 -12.25
CA TYR B 32 4.30 5.71 -13.42
C TYR B 32 2.84 5.95 -13.82
N GLU B 33 1.99 4.94 -13.61
CA GLU B 33 0.57 5.10 -13.92
C GLU B 33 -0.06 6.14 -12.98
N LYS B 34 0.29 6.06 -11.70
CA LYS B 34 -0.25 6.97 -10.70
C LYS B 34 0.19 8.41 -10.96
N LYS B 35 1.38 8.57 -11.53
CA LYS B 35 1.94 9.88 -11.85
C LYS B 35 1.15 10.56 -12.97
N GLY B 36 0.51 9.75 -13.81
CA GLY B 36 -0.28 10.30 -14.91
C GLY B 36 0.31 10.01 -16.27
N PHE B 37 1.52 9.46 -16.32
CA PHE B 37 2.15 9.14 -17.60
C PHE B 37 1.43 7.97 -18.26
N VAL B 38 1.37 8.00 -19.58
CA VAL B 38 0.68 6.96 -20.34
C VAL B 38 1.62 5.91 -20.90
N LEU B 39 1.28 4.64 -20.71
CA LEU B 39 2.08 3.54 -21.21
C LEU B 39 1.83 3.42 -22.71
N VAL B 40 2.86 3.66 -23.53
CA VAL B 40 2.67 3.55 -24.97
C VAL B 40 3.41 2.37 -25.60
N GLY B 41 4.20 1.66 -24.79
CA GLY B 41 4.92 0.50 -25.27
C GLY B 41 5.26 -0.37 -24.07
N LEU B 42 5.13 -1.69 -24.21
CA LEU B 42 5.43 -2.60 -23.12
C LEU B 42 5.67 -4.02 -23.60
N LYS B 43 6.70 -4.66 -23.07
CA LYS B 43 6.98 -6.04 -23.44
C LYS B 43 8.11 -6.62 -22.62
N GLN B 44 8.05 -7.93 -22.38
CA GLN B 44 9.12 -8.60 -21.66
C GLN B 44 9.93 -9.33 -22.73
N LEU B 45 11.25 -9.29 -22.60
CA LEU B 45 12.12 -9.96 -23.56
C LEU B 45 13.47 -10.20 -22.89
N VAL B 46 14.28 -11.05 -23.52
CA VAL B 46 15.62 -11.31 -23.03
C VAL B 46 16.50 -10.65 -24.07
N PRO B 47 17.03 -9.45 -23.77
CA PRO B 47 17.88 -8.68 -24.67
C PRO B 47 19.02 -9.49 -25.29
N THR B 48 19.32 -9.20 -26.54
CA THR B 48 20.41 -9.87 -27.23
C THR B 48 21.67 -9.06 -26.96
N LYS B 49 22.83 -9.64 -27.20
CA LYS B 49 24.09 -8.95 -26.99
C LYS B 49 24.13 -7.68 -27.84
N ASP B 50 23.71 -7.77 -29.09
CA ASP B 50 23.72 -6.62 -29.98
C ASP B 50 22.87 -5.46 -29.43
N LEU B 51 21.67 -5.78 -28.96
CA LEU B 51 20.79 -4.77 -28.42
C LEU B 51 21.44 -4.11 -27.20
N ALA B 52 21.99 -4.94 -26.32
CA ALA B 52 22.63 -4.47 -25.10
C ALA B 52 23.82 -3.54 -25.39
N GLU B 53 24.68 -3.94 -26.31
CA GLU B 53 25.85 -3.14 -26.63
C GLU B 53 25.47 -1.81 -27.28
N SER B 54 24.36 -1.80 -28.00
CA SER B 54 23.90 -0.57 -28.64
C SER B 54 23.29 0.33 -27.56
N HIS B 55 22.53 -0.28 -26.66
CA HIS B 55 21.88 0.45 -25.57
C HIS B 55 22.91 1.19 -24.72
N TYR B 56 24.00 0.50 -24.38
CA TYR B 56 25.06 1.07 -23.54
C TYR B 56 26.25 1.58 -24.34
N ALA B 57 26.01 1.93 -25.60
CA ALA B 57 27.06 2.41 -26.50
C ALA B 57 27.98 3.48 -25.90
N GLU B 58 27.40 4.40 -25.15
CA GLU B 58 28.19 5.48 -24.55
C GLU B 58 29.32 4.99 -23.62
N HIS B 59 29.20 3.76 -23.14
CA HIS B 59 30.19 3.20 -22.23
C HIS B 59 31.03 2.10 -22.86
N LYS B 60 31.05 2.05 -24.19
CA LYS B 60 31.80 1.02 -24.91
C LYS B 60 33.27 0.94 -24.52
N GLU B 61 33.86 2.07 -24.13
CA GLU B 61 35.27 2.11 -23.74
C GLU B 61 35.47 2.00 -22.24
N ARG B 62 34.38 1.93 -21.49
CA ARG B 62 34.43 1.83 -20.04
C ARG B 62 34.81 0.41 -19.59
N PRO B 63 35.50 0.29 -18.45
CA PRO B 63 35.94 -1.00 -17.91
C PRO B 63 34.76 -1.87 -17.47
N PHE B 64 33.62 -1.25 -17.20
CA PHE B 64 32.43 -1.97 -16.75
C PHE B 64 31.43 -2.24 -17.86
N PHE B 65 31.80 -1.90 -19.09
CA PHE B 65 30.91 -2.11 -20.24
C PHE B 65 30.51 -3.58 -20.38
N GLY B 66 31.49 -4.47 -20.32
CA GLY B 66 31.20 -5.88 -20.45
C GLY B 66 30.19 -6.36 -19.42
N GLY B 67 30.36 -5.89 -18.19
CA GLY B 67 29.45 -6.26 -17.12
C GLY B 67 28.03 -5.77 -17.33
N LEU B 68 27.90 -4.54 -17.83
CA LEU B 68 26.57 -3.97 -18.09
C LEU B 68 25.85 -4.79 -19.14
N VAL B 69 26.58 -5.15 -20.20
CA VAL B 69 26.01 -5.93 -21.28
C VAL B 69 25.68 -7.35 -20.84
N SER B 70 26.61 -7.98 -20.13
CA SER B 70 26.38 -9.35 -19.66
C SER B 70 25.18 -9.45 -18.72
N PHE B 71 25.04 -8.49 -17.81
CA PHE B 71 23.92 -8.56 -16.87
C PHE B 71 22.56 -8.28 -17.48
N ILE B 72 22.46 -7.27 -18.34
CA ILE B 72 21.16 -6.95 -18.93
C ILE B 72 20.68 -8.03 -19.89
N THR B 73 21.58 -8.93 -20.28
CA THR B 73 21.21 -10.02 -21.18
C THR B 73 21.15 -11.35 -20.43
N SER B 74 21.35 -11.29 -19.11
CA SER B 74 21.37 -12.49 -18.28
C SER B 74 19.99 -13.04 -17.93
N GLY B 75 18.94 -12.27 -18.20
CA GLY B 75 17.61 -12.74 -17.90
C GLY B 75 16.55 -11.83 -18.48
N PRO B 76 15.26 -12.10 -18.19
CA PRO B 76 14.17 -11.28 -18.72
C PRO B 76 14.21 -9.84 -18.23
N VAL B 77 13.86 -8.95 -19.14
CA VAL B 77 13.81 -7.51 -18.89
C VAL B 77 12.42 -7.06 -19.33
N VAL B 78 11.84 -6.11 -18.61
CA VAL B 78 10.55 -5.58 -19.02
C VAL B 78 10.82 -4.19 -19.56
N ALA B 79 10.67 -4.05 -20.87
CA ALA B 79 10.89 -2.78 -21.55
C ALA B 79 9.59 -2.01 -21.67
N MET B 80 9.66 -0.71 -21.46
CA MET B 80 8.45 0.10 -21.56
C MET B 80 8.73 1.52 -22.02
N VAL B 81 7.70 2.15 -22.56
CA VAL B 81 7.79 3.52 -23.03
C VAL B 81 6.63 4.28 -22.41
N PHE B 82 6.91 5.41 -21.77
CA PHE B 82 5.88 6.23 -21.16
C PHE B 82 5.83 7.61 -21.82
N GLU B 83 4.62 8.15 -21.95
CA GLU B 83 4.43 9.44 -22.59
C GLU B 83 3.80 10.48 -21.65
N GLY B 84 4.29 11.71 -21.71
CA GLY B 84 3.77 12.77 -20.89
C GLY B 84 4.71 13.96 -20.81
N LYS B 85 4.19 15.10 -20.34
CA LYS B 85 5.00 16.30 -20.22
C LYS B 85 6.21 16.07 -19.33
N GLY B 86 7.39 16.46 -19.81
CA GLY B 86 8.61 16.29 -19.05
C GLY B 86 8.87 14.90 -18.51
N VAL B 87 8.32 13.88 -19.17
CA VAL B 87 8.47 12.52 -18.71
C VAL B 87 9.92 12.02 -18.59
N VAL B 88 10.81 12.49 -19.45
CA VAL B 88 12.20 12.05 -19.38
C VAL B 88 12.84 12.44 -18.04
N ALA B 89 12.83 13.72 -17.72
CA ALA B 89 13.42 14.19 -16.47
C ALA B 89 12.67 13.67 -15.25
N SER B 90 11.34 13.60 -15.36
CA SER B 90 10.51 13.14 -14.26
C SER B 90 10.77 11.66 -13.94
N ALA B 91 10.87 10.84 -14.99
CA ALA B 91 11.11 9.42 -14.79
C ALA B 91 12.46 9.18 -14.09
N ARG B 92 13.46 9.97 -14.44
CA ARG B 92 14.78 9.84 -13.82
C ARG B 92 14.70 10.19 -12.34
N LEU B 93 13.95 11.24 -12.03
CA LEU B 93 13.77 11.68 -10.65
C LEU B 93 13.03 10.63 -9.84
N MET B 94 12.04 9.99 -10.46
CA MET B 94 11.26 8.97 -9.78
C MET B 94 12.09 7.71 -9.50
N ILE B 95 13.12 7.50 -10.30
CA ILE B 95 13.99 6.35 -10.13
C ILE B 95 15.02 6.58 -9.03
N GLY B 96 15.60 7.78 -9.00
CA GLY B 96 16.60 8.09 -8.00
C GLY B 96 17.94 8.40 -8.65
N VAL B 97 19.03 8.08 -7.96
CA VAL B 97 20.37 8.32 -8.49
C VAL B 97 21.14 7.02 -8.74
N THR B 98 22.26 7.12 -9.44
CA THR B 98 23.07 5.95 -9.79
C THR B 98 23.27 4.96 -8.66
N ASN B 99 23.67 5.45 -7.50
CA ASN B 99 23.89 4.60 -6.33
C ASN B 99 22.59 4.50 -5.54
N PRO B 100 21.97 3.31 -5.50
CA PRO B 100 20.71 3.13 -4.77
C PRO B 100 20.81 3.52 -3.29
N LEU B 101 21.97 3.33 -2.70
CA LEU B 101 22.15 3.65 -1.29
C LEU B 101 22.05 5.17 -1.03
N ALA B 102 22.33 5.96 -2.06
CA ALA B 102 22.27 7.40 -1.94
C ALA B 102 20.95 7.95 -2.48
N SER B 103 20.07 7.07 -2.96
CA SER B 103 18.78 7.48 -3.48
C SER B 103 17.81 7.70 -2.33
N ALA B 104 17.04 8.77 -2.40
CA ALA B 104 16.10 9.12 -1.33
C ALA B 104 14.91 8.19 -1.19
N PRO B 105 14.48 7.94 0.05
CA PRO B 105 13.32 7.06 0.22
C PRO B 105 12.18 7.74 -0.54
N GLY B 106 11.35 6.95 -1.22
CA GLY B 106 10.29 7.52 -2.00
C GLY B 106 10.61 7.25 -3.47
N SER B 107 11.90 7.19 -3.79
CA SER B 107 12.31 6.91 -5.17
C SER B 107 12.39 5.38 -5.32
N ILE B 108 12.37 4.89 -6.56
CA ILE B 108 12.41 3.45 -6.79
C ILE B 108 13.68 2.82 -6.24
N ARG B 109 14.84 3.37 -6.60
CA ARG B 109 16.09 2.81 -6.10
C ARG B 109 16.24 3.07 -4.61
N GLY B 110 15.73 4.22 -4.15
CA GLY B 110 15.82 4.54 -2.74
C GLY B 110 15.05 3.55 -1.89
N ASP B 111 13.93 3.07 -2.42
CA ASP B 111 13.09 2.13 -1.68
C ASP B 111 13.48 0.66 -1.86
N PHE B 112 14.10 0.32 -2.99
CA PHE B 112 14.39 -1.08 -3.26
C PHE B 112 15.81 -1.56 -3.56
N GLY B 113 16.75 -0.64 -3.78
CA GLY B 113 18.10 -1.08 -4.13
C GLY B 113 19.23 -0.78 -3.17
N VAL B 114 20.33 -1.54 -3.32
CA VAL B 114 21.50 -1.35 -2.47
C VAL B 114 22.83 -1.40 -3.22
N ASP B 115 22.81 -1.87 -4.47
CA ASP B 115 24.04 -1.99 -5.27
C ASP B 115 23.96 -1.26 -6.62
N VAL B 116 25.04 -0.55 -6.97
CA VAL B 116 25.08 0.18 -8.23
C VAL B 116 24.84 -0.75 -9.42
N GLY B 117 25.40 -1.96 -9.35
CA GLY B 117 25.26 -2.93 -10.42
C GLY B 117 23.92 -3.65 -10.47
N ARG B 118 23.11 -3.47 -9.43
CA ARG B 118 21.80 -4.08 -9.37
C ARG B 118 20.86 -2.94 -8.99
N ASN B 119 20.74 -1.97 -9.90
CA ASN B 119 19.93 -0.79 -9.67
C ASN B 119 18.47 -0.87 -10.10
N ILE B 120 18.00 -2.08 -10.34
CA ILE B 120 16.59 -2.34 -10.66
C ILE B 120 16.00 -1.86 -11.98
N ILE B 121 16.16 -0.57 -12.26
CA ILE B 121 15.58 0.03 -13.46
C ILE B 121 16.46 1.18 -13.97
N GLY B 122 16.39 1.41 -15.27
CA GLY B 122 17.16 2.50 -15.86
C GLY B 122 16.32 3.25 -16.88
N GLY B 123 16.35 4.58 -16.82
CA GLY B 123 15.59 5.38 -17.77
C GLY B 123 16.48 6.26 -18.62
N SER B 124 15.94 6.73 -19.75
CA SER B 124 16.70 7.59 -20.67
C SER B 124 17.15 8.86 -19.94
N ASP B 125 18.37 9.30 -20.22
CA ASP B 125 18.89 10.49 -19.55
C ASP B 125 18.57 11.81 -20.26
N SER B 126 17.99 11.72 -21.45
CA SER B 126 17.63 12.92 -22.22
C SER B 126 16.63 12.56 -23.31
N VAL B 127 16.03 13.58 -23.92
CA VAL B 127 15.08 13.35 -25.00
C VAL B 127 15.80 12.69 -26.16
N GLU B 128 17.03 13.15 -26.42
CA GLU B 128 17.85 12.60 -27.49
C GLU B 128 18.06 11.11 -27.29
N SER B 129 18.47 10.74 -26.08
CA SER B 129 18.70 9.33 -25.76
C SER B 129 17.42 8.53 -25.76
N ALA B 130 16.34 9.13 -25.27
CA ALA B 130 15.06 8.44 -25.23
C ALA B 130 14.58 8.05 -26.62
N ASN B 131 14.67 8.97 -27.57
CA ASN B 131 14.25 8.67 -28.94
C ASN B 131 15.11 7.58 -29.55
N ARG B 132 16.40 7.58 -29.22
CA ARG B 132 17.33 6.58 -29.74
C ARG B 132 17.01 5.22 -29.14
N GLU B 133 16.78 5.21 -27.83
CA GLU B 133 16.48 3.97 -27.11
C GLU B 133 15.13 3.38 -27.48
N ILE B 134 14.13 4.23 -27.66
CA ILE B 134 12.80 3.75 -28.04
C ILE B 134 12.86 3.05 -29.40
N ALA B 135 13.60 3.64 -30.34
CA ALA B 135 13.73 3.07 -31.68
C ALA B 135 14.54 1.77 -31.67
N LEU B 136 15.45 1.67 -30.71
CA LEU B 136 16.31 0.50 -30.57
C LEU B 136 15.57 -0.70 -29.99
N TRP B 137 14.74 -0.44 -28.97
CA TRP B 137 14.01 -1.50 -28.30
C TRP B 137 12.63 -1.85 -28.84
N PHE B 138 11.97 -0.89 -29.49
CA PHE B 138 10.62 -1.13 -30.03
C PHE B 138 10.47 -0.85 -31.51
N LYS B 139 9.62 -1.64 -32.16
CA LYS B 139 9.31 -1.43 -33.56
C LYS B 139 8.18 -0.39 -33.51
N PRO B 140 8.09 0.48 -34.53
CA PRO B 140 7.03 1.49 -34.53
C PRO B 140 5.63 0.93 -34.26
N GLU B 141 5.36 -0.26 -34.80
CA GLU B 141 4.07 -0.90 -34.66
C GLU B 141 3.75 -1.39 -33.24
N GLU B 142 4.73 -1.36 -32.36
CA GLU B 142 4.53 -1.80 -30.98
C GLU B 142 4.21 -0.62 -30.07
N LEU B 143 4.17 0.59 -30.65
CA LEU B 143 3.91 1.81 -29.89
C LEU B 143 2.56 2.42 -30.24
N LEU B 144 1.81 2.83 -29.22
CA LEU B 144 0.51 3.44 -29.46
C LEU B 144 0.64 4.75 -30.24
N THR B 145 -0.34 5.02 -31.08
CA THR B 145 -0.37 6.25 -31.86
C THR B 145 -1.54 7.08 -31.37
N GLU B 146 -2.49 6.41 -30.73
CA GLU B 146 -3.67 7.06 -30.19
C GLU B 146 -3.47 7.12 -28.67
N VAL B 147 -3.19 8.31 -28.16
CA VAL B 147 -2.96 8.49 -26.74
C VAL B 147 -4.01 9.42 -26.13
N LYS B 148 -4.60 8.97 -25.03
CA LYS B 148 -5.63 9.76 -24.36
C LYS B 148 -5.39 9.77 -22.85
N PRO B 149 -4.52 10.68 -22.37
CA PRO B 149 -4.22 10.77 -20.94
C PRO B 149 -5.49 11.13 -20.16
N ASN B 150 -5.44 10.97 -18.84
CA ASN B 150 -6.60 11.31 -18.01
C ASN B 150 -6.88 12.78 -18.33
N PRO B 151 -8.15 13.14 -18.54
CA PRO B 151 -8.51 14.53 -18.85
C PRO B 151 -8.31 15.54 -17.73
N ASN B 152 -7.94 15.05 -16.55
CA ASN B 152 -7.73 15.89 -15.38
C ASN B 152 -6.24 16.11 -15.09
N LEU B 153 -5.38 15.67 -15.99
CA LEU B 153 -3.94 15.79 -15.80
C LEU B 153 -3.30 17.05 -16.37
N TYR B 154 -3.81 17.51 -17.51
CA TYR B 154 -3.24 18.68 -18.17
C TYR B 154 -4.19 19.87 -18.29
N GLU B 155 -3.64 21.06 -18.09
CA GLU B 155 -4.40 22.31 -18.17
C GLU B 155 -4.59 22.73 -19.62
N VAL C 6 32.17 -5.86 2.32
CA VAL C 6 31.45 -4.62 2.70
C VAL C 6 29.95 -4.88 2.82
N ASN C 7 29.47 -5.94 2.18
CA ASN C 7 28.05 -6.27 2.21
C ASN C 7 27.60 -6.91 3.51
N LYS C 8 28.50 -7.07 4.46
CA LYS C 8 28.16 -7.67 5.75
C LYS C 8 28.04 -6.64 6.87
N GLU C 9 28.06 -5.36 6.50
CA GLU C 9 27.92 -4.30 7.49
C GLU C 9 26.59 -4.48 8.22
N ARG C 10 26.54 -4.08 9.49
CA ARG C 10 25.32 -4.22 10.28
C ARG C 10 25.00 -2.93 11.04
N THR C 11 23.72 -2.70 11.31
CA THR C 11 23.31 -1.54 12.07
C THR C 11 22.21 -1.91 13.06
N PHE C 12 22.10 -1.13 14.12
CA PHE C 12 21.09 -1.35 15.14
C PHE C 12 19.95 -0.36 14.97
N LEU C 13 18.73 -0.88 14.98
CA LEU C 13 17.55 -0.05 14.85
C LEU C 13 16.57 -0.41 15.95
N ALA C 14 15.94 0.61 16.52
CA ALA C 14 14.98 0.38 17.58
C ALA C 14 13.70 1.15 17.32
N VAL C 15 12.59 0.43 17.19
CA VAL C 15 11.30 1.08 17.02
C VAL C 15 10.99 1.43 18.47
N LYS C 16 10.97 2.73 18.77
CA LYS C 16 10.74 3.17 20.13
C LYS C 16 9.31 2.98 20.63
N PRO C 17 9.07 3.17 21.93
CA PRO C 17 7.74 3.00 22.50
C PRO C 17 6.59 3.63 21.73
N ASP C 18 6.80 4.81 21.16
CA ASP C 18 5.74 5.47 20.41
C ASP C 18 5.51 4.78 19.07
N GLY C 19 6.59 4.28 18.47
CA GLY C 19 6.44 3.58 17.19
C GLY C 19 5.66 2.29 17.39
N VAL C 20 5.94 1.59 18.48
CA VAL C 20 5.25 0.33 18.79
C VAL C 20 3.79 0.60 19.13
N ALA C 21 3.56 1.58 20.00
CA ALA C 21 2.21 1.93 20.43
C ALA C 21 1.31 2.37 19.29
N ARG C 22 1.90 2.97 18.25
CA ARG C 22 1.13 3.45 17.11
C ARG C 22 0.98 2.41 16.00
N GLY C 23 1.42 1.19 16.28
CA GLY C 23 1.30 0.10 15.31
C GLY C 23 2.11 0.28 14.04
N LEU C 24 3.35 0.72 14.18
CA LEU C 24 4.21 0.95 13.02
C LEU C 24 5.35 -0.06 12.88
N VAL C 25 5.33 -1.10 13.71
CA VAL C 25 6.41 -2.10 13.66
C VAL C 25 6.49 -2.81 12.30
N GLY C 26 5.37 -3.33 11.83
CA GLY C 26 5.35 -4.03 10.56
C GLY C 26 5.73 -3.14 9.39
N GLU C 27 5.16 -1.93 9.38
CA GLU C 27 5.44 -0.95 8.33
C GLU C 27 6.94 -0.69 8.21
N ILE C 28 7.59 -0.49 9.35
CA ILE C 28 9.01 -0.22 9.38
C ILE C 28 9.86 -1.42 8.93
N ILE C 29 9.58 -2.59 9.49
CA ILE C 29 10.34 -3.77 9.10
C ILE C 29 10.19 -4.02 7.59
N ALA C 30 8.99 -3.83 7.07
CA ALA C 30 8.74 -4.03 5.65
C ALA C 30 9.61 -3.11 4.79
N ARG C 31 9.77 -1.86 5.21
CA ARG C 31 10.58 -0.92 4.44
C ARG C 31 12.02 -1.42 4.31
N TYR C 32 12.58 -1.95 5.40
CA TYR C 32 13.94 -2.45 5.35
C TYR C 32 14.03 -3.76 4.57
N GLU C 33 13.00 -4.58 4.64
CA GLU C 33 13.00 -5.83 3.88
C GLU C 33 12.93 -5.53 2.39
N LYS C 34 12.06 -4.59 2.01
CA LYS C 34 11.90 -4.23 0.60
C LYS C 34 13.18 -3.65 0.02
N LYS C 35 13.94 -2.95 0.86
CA LYS C 35 15.20 -2.33 0.47
C LYS C 35 16.25 -3.37 0.12
N GLY C 36 16.14 -4.55 0.73
CA GLY C 36 17.10 -5.60 0.45
C GLY C 36 17.97 -5.96 1.63
N PHE C 37 17.79 -5.25 2.73
CA PHE C 37 18.57 -5.54 3.93
C PHE C 37 18.02 -6.78 4.62
N VAL C 38 18.92 -7.55 5.22
CA VAL C 38 18.55 -8.79 5.89
C VAL C 38 18.46 -8.64 7.41
N LEU C 39 17.37 -9.14 7.97
CA LEU C 39 17.15 -9.09 9.40
C LEU C 39 18.03 -10.16 10.05
N VAL C 40 18.97 -9.76 10.88
CA VAL C 40 19.85 -10.74 11.53
C VAL C 40 19.61 -10.84 13.04
N GLY C 41 18.74 -9.98 13.55
CA GLY C 41 18.40 -9.99 14.96
C GLY C 41 17.08 -9.26 15.16
N LEU C 42 16.22 -9.80 16.01
CA LEU C 42 14.91 -9.16 16.25
C LEU C 42 14.30 -9.61 17.56
N LYS C 43 13.74 -8.67 18.31
CA LYS C 43 13.08 -9.00 19.57
C LYS C 43 12.39 -7.80 20.19
N GLN C 44 11.28 -8.05 20.88
CA GLN C 44 10.56 -6.98 21.56
C GLN C 44 10.91 -7.12 23.04
N LEU C 45 11.16 -5.99 23.69
CA LEU C 45 11.51 -6.00 25.10
C LEU C 45 11.21 -4.63 25.70
N VAL C 46 11.24 -4.56 27.03
CA VAL C 46 11.02 -3.30 27.72
C VAL C 46 12.39 -2.98 28.30
N PRO C 47 13.12 -2.03 27.70
CA PRO C 47 14.45 -1.65 28.17
C PRO C 47 14.53 -1.30 29.65
N THR C 48 15.64 -1.67 30.27
CA THR C 48 15.87 -1.36 31.68
C THR C 48 16.58 -0.02 31.68
N LYS C 49 16.62 0.64 32.85
CA LYS C 49 17.26 1.94 32.94
C LYS C 49 18.74 1.90 32.58
N ASP C 50 19.46 0.86 33.02
CA ASP C 50 20.88 0.77 32.73
C ASP C 50 21.15 0.61 31.24
N LEU C 51 20.32 -0.16 30.55
CA LEU C 51 20.48 -0.36 29.12
C LEU C 51 20.26 0.97 28.41
N ALA C 52 19.22 1.67 28.81
CA ALA C 52 18.88 2.96 28.22
C ALA C 52 19.98 4.00 28.44
N GLU C 53 20.49 4.07 29.67
CA GLU C 53 21.53 5.03 29.98
C GLU C 53 22.82 4.73 29.20
N SER C 54 23.09 3.45 28.98
CA SER C 54 24.28 3.05 28.22
C SER C 54 24.04 3.37 26.75
N HIS C 55 22.85 3.04 26.28
CA HIS C 55 22.49 3.29 24.88
C HIS C 55 22.65 4.78 24.54
N TYR C 56 22.19 5.64 25.43
CA TYR C 56 22.26 7.09 25.22
C TYR C 56 23.42 7.79 25.93
N ALA C 57 24.44 7.02 26.30
CA ALA C 57 25.60 7.56 27.01
C ALA C 57 26.15 8.87 26.45
N GLU C 58 26.08 9.04 25.13
CA GLU C 58 26.61 10.25 24.50
C GLU C 58 25.91 11.53 24.96
N HIS C 59 24.69 11.41 25.45
CA HIS C 59 23.92 12.56 25.91
C HIS C 59 23.75 12.59 27.43
N LYS C 60 24.58 11.82 28.13
CA LYS C 60 24.49 11.74 29.58
C LYS C 60 24.57 13.09 30.29
N GLU C 61 25.18 14.08 29.64
CA GLU C 61 25.31 15.41 30.24
C GLU C 61 24.20 16.34 29.78
N ARG C 62 23.56 16.02 28.66
CA ARG C 62 22.48 16.84 28.13
C ARG C 62 21.29 16.89 29.07
N PRO C 63 20.55 18.02 29.07
CA PRO C 63 19.38 18.19 29.92
C PRO C 63 18.22 17.26 29.58
N PHE C 64 18.14 16.87 28.31
CA PHE C 64 17.07 15.97 27.86
C PHE C 64 17.42 14.50 28.03
N PHE C 65 18.56 14.22 28.68
CA PHE C 65 18.99 12.85 28.91
C PHE C 65 17.98 12.06 29.72
N GLY C 66 17.65 12.58 30.91
CA GLY C 66 16.70 11.90 31.77
C GLY C 66 15.41 11.56 31.03
N GLY C 67 14.99 12.46 30.15
CA GLY C 67 13.78 12.24 29.38
C GLY C 67 13.90 11.11 28.37
N LEU C 68 15.04 11.05 27.69
CA LEU C 68 15.27 10.01 26.69
C LEU C 68 15.21 8.63 27.36
N VAL C 69 15.91 8.51 28.49
CA VAL C 69 15.96 7.28 29.25
C VAL C 69 14.59 6.87 29.76
N SER C 70 13.88 7.81 30.36
CA SER C 70 12.55 7.55 30.90
C SER C 70 11.57 7.07 29.84
N PHE C 71 11.61 7.69 28.66
CA PHE C 71 10.69 7.30 27.60
C PHE C 71 11.00 5.95 26.99
N ILE C 72 12.26 5.72 26.61
CA ILE C 72 12.61 4.44 25.98
C ILE C 72 12.38 3.26 26.92
N THR C 73 12.23 3.53 28.21
CA THR C 73 11.98 2.48 29.19
C THR C 73 10.52 2.48 29.65
N SER C 74 9.72 3.35 29.05
CA SER C 74 8.31 3.48 29.43
C SER C 74 7.36 2.44 28.84
N GLY C 75 7.82 1.71 27.82
CA GLY C 75 6.97 0.71 27.20
C GLY C 75 7.78 -0.20 26.31
N PRO C 76 7.13 -1.15 25.63
CA PRO C 76 7.86 -2.07 24.74
C PRO C 76 8.56 -1.38 23.57
N VAL C 77 9.70 -1.93 23.22
CA VAL C 77 10.53 -1.45 22.12
C VAL C 77 10.83 -2.67 21.25
N VAL C 78 10.95 -2.46 19.94
CA VAL C 78 11.30 -3.57 19.06
C VAL C 78 12.70 -3.30 18.55
N ALA C 79 13.65 -4.06 19.07
CA ALA C 79 15.06 -3.93 18.68
C ALA C 79 15.36 -4.82 17.49
N MET C 80 16.13 -4.29 16.54
CA MET C 80 16.46 -5.05 15.35
C MET C 80 17.87 -4.79 14.87
N VAL C 81 18.40 -5.74 14.12
CA VAL C 81 19.72 -5.63 13.54
C VAL C 81 19.56 -6.03 12.08
N PHE C 82 19.95 -5.12 11.18
CA PHE C 82 19.85 -5.38 9.75
C PHE C 82 21.24 -5.39 9.14
N GLU C 83 21.43 -6.28 8.17
CA GLU C 83 22.72 -6.42 7.50
C GLU C 83 22.64 -6.12 6.02
N GLY C 84 23.67 -5.45 5.50
CA GLY C 84 23.71 -5.10 4.10
C GLY C 84 24.77 -4.05 3.82
N LYS C 85 25.07 -3.85 2.54
CA LYS C 85 26.06 -2.87 2.14
C LYS C 85 25.62 -1.47 2.56
N GLY C 86 26.51 -0.74 3.24
CA GLY C 86 26.21 0.60 3.68
C GLY C 86 24.90 0.75 4.44
N VAL C 87 24.50 -0.30 5.15
CA VAL C 87 23.25 -0.28 5.88
C VAL C 87 23.14 0.79 6.98
N VAL C 88 24.26 1.12 7.62
CA VAL C 88 24.20 2.13 8.67
C VAL C 88 23.71 3.48 8.14
N ALA C 89 24.39 4.01 7.13
CA ALA C 89 24.00 5.30 6.56
C ALA C 89 22.67 5.21 5.81
N SER C 90 22.44 4.09 5.13
CA SER C 90 21.20 3.92 4.37
C SER C 90 19.99 3.91 5.31
N ALA C 91 20.10 3.18 6.40
CA ALA C 91 19.01 3.09 7.37
C ALA C 91 18.65 4.47 7.92
N ARG C 92 19.67 5.30 8.12
CA ARG C 92 19.46 6.65 8.64
C ARG C 92 18.73 7.50 7.61
N LEU C 93 19.10 7.35 6.35
CA LEU C 93 18.48 8.10 5.27
C LEU C 93 17.01 7.70 5.17
N MET C 94 16.74 6.42 5.34
CA MET C 94 15.37 5.91 5.28
C MET C 94 14.51 6.42 6.43
N ILE C 95 15.14 6.73 7.55
CA ILE C 95 14.43 7.25 8.73
C ILE C 95 14.11 8.73 8.60
N GLY C 96 15.06 9.50 8.08
CA GLY C 96 14.86 10.93 7.91
C GLY C 96 15.85 11.70 8.74
N VAL C 97 15.49 12.92 9.16
CA VAL C 97 16.39 13.72 9.97
C VAL C 97 15.89 13.87 11.40
N THR C 98 16.71 14.48 12.24
CA THR C 98 16.41 14.67 13.65
C THR C 98 14.97 15.11 13.93
N ASN C 99 14.54 16.19 13.28
CA ASN C 99 13.19 16.69 13.48
C ASN C 99 12.24 16.06 12.46
N PRO C 100 11.25 15.28 12.94
CA PRO C 100 10.30 14.65 12.02
C PRO C 100 9.59 15.62 11.10
N LEU C 101 9.30 16.82 11.62
CA LEU C 101 8.62 17.83 10.81
C LEU C 101 9.46 18.31 9.64
N ALA C 102 10.79 18.17 9.77
CA ALA C 102 11.70 18.59 8.72
C ALA C 102 12.08 17.44 7.79
N SER C 103 11.66 16.22 8.16
CA SER C 103 11.96 15.05 7.34
C SER C 103 11.07 15.01 6.10
N ALA C 104 11.67 14.68 4.96
CA ALA C 104 10.94 14.64 3.70
C ALA C 104 9.94 13.50 3.62
N PRO C 105 8.81 13.73 2.93
CA PRO C 105 7.84 12.64 2.82
C PRO C 105 8.56 11.50 2.09
N GLY C 106 8.26 10.27 2.47
CA GLY C 106 8.93 9.13 1.87
C GLY C 106 9.79 8.49 2.95
N SER C 107 10.28 9.30 3.88
CA SER C 107 11.09 8.77 4.99
C SER C 107 10.14 8.37 6.11
N ILE C 108 10.59 7.51 7.02
CA ILE C 108 9.74 7.07 8.12
C ILE C 108 9.24 8.23 8.96
N ARG C 109 10.15 9.09 9.41
CA ARG C 109 9.76 10.23 10.23
C ARG C 109 8.97 11.23 9.41
N GLY C 110 9.34 11.40 8.14
CA GLY C 110 8.63 12.34 7.29
C GLY C 110 7.19 11.92 7.09
N ASP C 111 6.95 10.61 7.05
CA ASP C 111 5.60 10.10 6.84
C ASP C 111 4.77 9.93 8.10
N PHE C 112 5.43 9.68 9.23
CA PHE C 112 4.71 9.40 10.46
C PHE C 112 4.95 10.23 11.72
N GLY C 113 6.00 11.04 11.75
CA GLY C 113 6.29 11.79 12.97
C GLY C 113 6.12 13.30 12.94
N VAL C 114 5.90 13.87 14.12
CA VAL C 114 5.73 15.31 14.25
C VAL C 114 6.51 15.95 15.40
N ASP C 115 7.06 15.14 16.30
CA ASP C 115 7.79 15.66 17.44
C ASP C 115 9.14 14.97 17.63
N VAL C 116 10.17 15.75 17.92
CA VAL C 116 11.52 15.19 18.10
C VAL C 116 11.58 14.15 19.23
N GLY C 117 10.78 14.35 20.27
CA GLY C 117 10.78 13.43 21.39
C GLY C 117 9.99 12.15 21.14
N ARG C 118 9.20 12.15 20.08
CA ARG C 118 8.40 11.00 19.70
C ARG C 118 8.75 10.78 18.23
N ASN C 119 10.02 10.44 18.00
CA ASN C 119 10.53 10.26 16.65
C ASN C 119 10.42 8.86 16.04
N ILE C 120 9.57 8.03 16.64
CA ILE C 120 9.28 6.68 16.14
C ILE C 120 10.36 5.60 16.14
N ILE C 121 11.50 5.91 15.54
CA ILE C 121 12.59 4.95 15.44
C ILE C 121 13.94 5.63 15.43
N GLY C 122 14.96 4.92 15.90
CA GLY C 122 16.30 5.47 15.91
C GLY C 122 17.30 4.42 15.46
N GLY C 123 18.25 4.83 14.62
CA GLY C 123 19.26 3.91 14.14
C GLY C 123 20.67 4.38 14.49
N SER C 124 21.63 3.46 14.45
CA SER C 124 23.03 3.79 14.76
C SER C 124 23.54 4.88 13.82
N ASP C 125 24.32 5.83 14.33
CA ASP C 125 24.82 6.91 13.50
C ASP C 125 26.14 6.59 12.79
N SER C 126 26.77 5.46 13.14
CA SER C 126 28.03 5.06 12.53
C SER C 126 28.28 3.58 12.77
N VAL C 127 29.24 3.02 12.04
CA VAL C 127 29.60 1.62 12.19
C VAL C 127 30.10 1.39 13.61
N GLU C 128 30.87 2.36 14.11
CA GLU C 128 31.41 2.27 15.46
C GLU C 128 30.26 2.15 16.47
N SER C 129 29.28 3.04 16.34
CA SER C 129 28.13 3.04 17.23
C SER C 129 27.29 1.78 17.04
N ALA C 130 27.15 1.35 15.79
CA ALA C 130 26.38 0.17 15.49
C ALA C 130 26.95 -1.06 16.18
N ASN C 131 28.26 -1.27 16.06
CA ASN C 131 28.85 -2.43 16.70
C ASN C 131 28.66 -2.40 18.22
N ARG C 132 28.77 -1.20 18.80
CA ARG C 132 28.60 -1.07 20.24
C ARG C 132 27.15 -1.35 20.64
N GLU C 133 26.22 -0.74 19.91
CA GLU C 133 24.79 -0.91 20.19
C GLU C 133 24.30 -2.35 20.00
N ILE C 134 24.80 -3.01 18.97
CA ILE C 134 24.41 -4.39 18.70
C ILE C 134 24.84 -5.31 19.85
N ALA C 135 26.05 -5.10 20.35
CA ALA C 135 26.57 -5.90 21.45
C ALA C 135 25.87 -5.58 22.77
N LEU C 136 25.38 -4.35 22.88
CA LEU C 136 24.69 -3.90 24.08
C LEU C 136 23.27 -4.47 24.18
N TRP C 137 22.54 -4.44 23.06
CA TRP C 137 21.16 -4.92 23.01
C TRP C 137 20.95 -6.41 22.73
N PHE C 138 21.88 -7.02 22.01
CA PHE C 138 21.75 -8.43 21.65
C PHE C 138 22.87 -9.33 22.17
N LYS C 139 22.51 -10.59 22.41
CA LYS C 139 23.48 -11.59 22.83
C LYS C 139 23.93 -12.23 21.53
N PRO C 140 25.17 -12.75 21.47
CA PRO C 140 25.68 -13.37 20.26
C PRO C 140 24.76 -14.43 19.65
N GLU C 141 24.16 -15.25 20.50
CA GLU C 141 23.27 -16.31 20.06
C GLU C 141 21.95 -15.82 19.46
N GLU C 142 21.67 -14.53 19.59
CA GLU C 142 20.44 -13.96 19.06
C GLU C 142 20.65 -13.37 17.68
N LEU C 143 21.87 -13.48 17.16
CA LEU C 143 22.21 -12.94 15.85
C LEU C 143 22.58 -14.03 14.85
N LEU C 144 22.02 -13.94 13.65
CA LEU C 144 22.32 -14.94 12.62
C LEU C 144 23.80 -14.92 12.29
N THR C 145 24.33 -16.08 11.91
CA THR C 145 25.73 -16.19 11.55
C THR C 145 25.81 -16.53 10.06
N GLU C 146 24.76 -17.15 9.55
CA GLU C 146 24.69 -17.53 8.13
C GLU C 146 23.68 -16.62 7.44
N VAL C 147 24.17 -15.74 6.57
CA VAL C 147 23.31 -14.82 5.85
C VAL C 147 23.33 -15.01 4.34
N LYS C 148 24.19 -14.26 3.66
CA LYS C 148 24.30 -14.32 2.21
C LYS C 148 22.91 -14.11 1.59
N PRO C 149 22.53 -12.83 1.36
CA PRO C 149 21.24 -12.45 0.78
C PRO C 149 20.92 -13.01 -0.61
N ASN C 150 20.77 -12.12 -1.59
CA ASN C 150 20.42 -12.53 -2.94
C ASN C 150 21.40 -12.07 -4.02
N PRO C 151 21.52 -12.85 -5.10
CA PRO C 151 22.41 -12.49 -6.20
C PRO C 151 21.70 -11.40 -6.99
N ASN C 152 20.42 -11.20 -6.68
CA ASN C 152 19.61 -10.19 -7.34
C ASN C 152 19.89 -8.82 -6.71
N LEU C 153 20.42 -8.83 -5.48
CA LEU C 153 20.72 -7.59 -4.78
C LEU C 153 22.15 -7.11 -4.93
N TYR C 154 23.10 -8.04 -4.97
CA TYR C 154 24.51 -7.69 -5.08
C TYR C 154 25.21 -8.22 -6.33
N GLU C 155 26.05 -7.38 -6.93
CA GLU C 155 26.79 -7.77 -8.12
C GLU C 155 27.68 -8.95 -7.78
N ASN D 7 -27.54 3.12 -12.16
CA ASN D 7 -26.19 3.73 -11.97
C ASN D 7 -26.23 4.96 -11.06
N LYS D 8 -27.43 5.40 -10.69
CA LYS D 8 -27.60 6.56 -9.82
C LYS D 8 -27.92 6.19 -8.38
N GLU D 9 -27.88 4.91 -8.05
CA GLU D 9 -28.17 4.46 -6.70
C GLU D 9 -27.19 5.09 -5.71
N ARG D 10 -27.64 5.37 -4.49
CA ARG D 10 -26.78 5.97 -3.48
C ARG D 10 -26.92 5.29 -2.14
N THR D 11 -25.86 5.33 -1.34
CA THR D 11 -25.89 4.76 -0.01
C THR D 11 -25.21 5.69 0.98
N PHE D 12 -25.60 5.56 2.25
CA PHE D 12 -25.02 6.36 3.31
C PHE D 12 -24.04 5.53 4.10
N LEU D 13 -22.83 6.07 4.26
CA LEU D 13 -21.79 5.39 5.01
C LEU D 13 -21.30 6.32 6.11
N ALA D 14 -21.15 5.78 7.31
CA ALA D 14 -20.68 6.58 8.42
C ALA D 14 -19.44 5.95 9.03
N VAL D 15 -18.33 6.69 9.02
CA VAL D 15 -17.12 6.19 9.66
C VAL D 15 -17.32 6.61 11.09
N LYS D 16 -17.51 5.63 11.96
CA LYS D 16 -17.79 5.87 13.38
C LYS D 16 -16.62 6.47 14.16
N PRO D 17 -16.90 6.98 15.37
CA PRO D 17 -15.84 7.58 16.18
C PRO D 17 -14.56 6.76 16.31
N ASP D 18 -14.69 5.43 16.39
CA ASP D 18 -13.52 4.59 16.51
C ASP D 18 -12.72 4.59 15.21
N GLY D 19 -13.42 4.60 14.08
CA GLY D 19 -12.74 4.61 12.81
C GLY D 19 -11.98 5.92 12.63
N VAL D 20 -12.61 7.02 13.00
CA VAL D 20 -11.97 8.32 12.88
C VAL D 20 -10.77 8.44 13.82
N ALA D 21 -10.95 8.03 15.07
CA ALA D 21 -9.89 8.11 16.06
C ALA D 21 -8.68 7.25 15.69
N ARG D 22 -8.91 6.17 14.96
CA ARG D 22 -7.82 5.28 14.56
C ARG D 22 -7.17 5.66 13.23
N GLY D 23 -7.58 6.81 12.69
CA GLY D 23 -7.02 7.29 11.43
C GLY D 23 -7.31 6.42 10.22
N LEU D 24 -8.54 5.97 10.09
CA LEU D 24 -8.93 5.11 8.98
C LEU D 24 -9.84 5.79 7.96
N VAL D 25 -10.05 7.10 8.12
CA VAL D 25 -10.92 7.82 7.21
C VAL D 25 -10.41 7.77 5.77
N GLY D 26 -9.15 8.11 5.56
CA GLY D 26 -8.58 8.08 4.22
C GLY D 26 -8.58 6.70 3.59
N GLU D 27 -8.18 5.71 4.39
CA GLU D 27 -8.14 4.32 3.94
C GLU D 27 -9.50 3.90 3.42
N ILE D 28 -10.54 4.23 4.18
CA ILE D 28 -11.90 3.88 3.82
C ILE D 28 -12.40 4.60 2.56
N ILE D 29 -12.20 5.92 2.50
CA ILE D 29 -12.63 6.67 1.32
C ILE D 29 -11.92 6.16 0.07
N ALA D 30 -10.63 5.84 0.20
CA ALA D 30 -9.86 5.34 -0.94
C ALA D 30 -10.43 4.03 -1.46
N ARG D 31 -10.86 3.15 -0.56
CA ARG D 31 -11.43 1.88 -0.99
C ARG D 31 -12.65 2.09 -1.86
N TYR D 32 -13.51 3.04 -1.47
CA TYR D 32 -14.70 3.31 -2.25
C TYR D 32 -14.39 4.06 -3.55
N GLU D 33 -13.37 4.91 -3.55
CA GLU D 33 -12.99 5.63 -4.76
C GLU D 33 -12.42 4.63 -5.78
N LYS D 34 -11.53 3.76 -5.30
CA LYS D 34 -10.90 2.76 -6.16
C LYS D 34 -11.90 1.80 -6.76
N LYS D 35 -12.97 1.53 -6.02
CA LYS D 35 -14.03 0.63 -6.45
C LYS D 35 -14.79 1.20 -7.64
N GLY D 36 -14.85 2.52 -7.73
CA GLY D 36 -15.55 3.16 -8.83
C GLY D 36 -16.77 3.95 -8.41
N PHE D 37 -17.05 3.96 -7.11
CA PHE D 37 -18.20 4.72 -6.62
C PHE D 37 -17.83 6.18 -6.47
N VAL D 38 -18.78 7.06 -6.75
CA VAL D 38 -18.55 8.49 -6.69
C VAL D 38 -19.03 9.14 -5.39
N LEU D 39 -18.16 9.95 -4.80
CA LEU D 39 -18.48 10.64 -3.56
C LEU D 39 -19.41 11.81 -3.89
N VAL D 40 -20.64 11.77 -3.38
CA VAL D 40 -21.58 12.86 -3.66
C VAL D 40 -21.95 13.67 -2.43
N GLY D 41 -21.43 13.25 -1.28
CA GLY D 41 -21.68 13.96 -0.03
C GLY D 41 -20.60 13.61 0.97
N LEU D 42 -20.08 14.60 1.69
CA LEU D 42 -19.01 14.34 2.66
C LEU D 42 -18.93 15.43 3.72
N LYS D 43 -18.86 15.02 4.98
CA LYS D 43 -18.75 15.98 6.07
C LYS D 43 -18.36 15.29 7.37
N GLN D 44 -17.63 16.00 8.23
CA GLN D 44 -17.29 15.45 9.54
C GLN D 44 -18.12 16.26 10.52
N LEU D 45 -18.63 15.58 11.55
CA LEU D 45 -19.44 16.23 12.57
C LEU D 45 -19.51 15.33 13.78
N VAL D 46 -19.93 15.91 14.91
CA VAL D 46 -20.11 15.13 16.13
C VAL D 46 -21.62 14.99 16.23
N PRO D 47 -22.14 13.78 16.00
CA PRO D 47 -23.59 13.55 16.05
C PRO D 47 -24.23 13.90 17.39
N THR D 48 -25.46 14.39 17.31
CA THR D 48 -26.22 14.73 18.51
C THR D 48 -26.99 13.48 18.89
N LYS D 49 -27.50 13.45 20.12
CA LYS D 49 -28.26 12.31 20.61
C LYS D 49 -29.44 11.99 19.70
N ASP D 50 -30.18 13.02 19.31
CA ASP D 50 -31.34 12.81 18.44
C ASP D 50 -30.95 12.21 17.09
N LEU D 51 -29.89 12.72 16.48
CA LEU D 51 -29.44 12.21 15.19
C LEU D 51 -29.06 10.74 15.32
N ALA D 52 -28.34 10.40 16.38
CA ALA D 52 -27.91 9.02 16.61
C ALA D 52 -29.09 8.08 16.80
N GLU D 53 -30.04 8.49 17.63
CA GLU D 53 -31.21 7.65 17.90
C GLU D 53 -32.08 7.47 16.67
N SER D 54 -32.18 8.49 15.83
CA SER D 54 -32.97 8.38 14.61
C SER D 54 -32.27 7.46 13.63
N HIS D 55 -30.95 7.63 13.50
CA HIS D 55 -30.18 6.82 12.58
C HIS D 55 -30.29 5.33 12.94
N TYR D 56 -30.14 5.03 14.22
CA TYR D 56 -30.20 3.65 14.70
C TYR D 56 -31.55 3.26 15.29
N ALA D 57 -32.62 3.87 14.80
CA ALA D 57 -33.97 3.59 15.30
C ALA D 57 -34.32 2.09 15.30
N GLU D 58 -33.81 1.34 14.33
CA GLU D 58 -34.11 -0.09 14.26
C GLU D 58 -33.60 -0.90 15.46
N HIS D 59 -32.65 -0.35 16.19
CA HIS D 59 -32.07 -1.03 17.35
C HIS D 59 -32.54 -0.44 18.68
N LYS D 60 -33.46 0.52 18.62
CA LYS D 60 -33.92 1.20 19.83
C LYS D 60 -34.46 0.32 20.96
N GLU D 61 -34.94 -0.88 20.63
CA GLU D 61 -35.47 -1.77 21.65
C GLU D 61 -34.43 -2.70 22.28
N ARG D 62 -33.25 -2.76 21.68
CA ARG D 62 -32.20 -3.66 22.18
C ARG D 62 -31.45 -3.11 23.39
N PRO D 63 -31.01 -4.00 24.29
CA PRO D 63 -30.29 -3.63 25.51
C PRO D 63 -29.08 -2.72 25.31
N PHE D 64 -28.36 -2.89 24.21
CA PHE D 64 -27.16 -2.10 23.95
C PHE D 64 -27.42 -0.75 23.28
N PHE D 65 -28.69 -0.43 23.02
CA PHE D 65 -29.02 0.82 22.35
C PHE D 65 -28.44 2.06 23.03
N GLY D 66 -28.54 2.12 24.35
CA GLY D 66 -28.03 3.26 25.07
C GLY D 66 -26.54 3.48 24.83
N GLY D 67 -25.77 2.41 24.92
CA GLY D 67 -24.33 2.50 24.72
C GLY D 67 -24.00 2.79 23.27
N LEU D 68 -24.82 2.27 22.36
CA LEU D 68 -24.61 2.48 20.94
C LEU D 68 -24.72 3.98 20.62
N VAL D 69 -25.78 4.58 21.15
CA VAL D 69 -26.04 6.01 20.94
C VAL D 69 -24.94 6.85 21.60
N SER D 70 -24.60 6.51 22.84
CA SER D 70 -23.58 7.25 23.56
C SER D 70 -22.25 7.22 22.81
N PHE D 71 -21.90 6.08 22.24
CA PHE D 71 -20.64 5.99 21.53
C PHE D 71 -20.57 6.78 20.23
N ILE D 72 -21.60 6.68 19.40
CA ILE D 72 -21.55 7.40 18.13
C ILE D 72 -21.59 8.92 18.34
N THR D 73 -22.01 9.36 19.53
CA THR D 73 -22.06 10.80 19.82
C THR D 73 -20.86 11.22 20.69
N SER D 74 -19.96 10.27 20.96
CA SER D 74 -18.80 10.53 21.80
C SER D 74 -17.65 11.25 21.10
N GLY D 75 -17.71 11.34 19.77
CA GLY D 75 -16.65 11.99 19.04
C GLY D 75 -17.02 12.21 17.59
N PRO D 76 -16.09 12.73 16.78
CA PRO D 76 -16.39 12.98 15.38
C PRO D 76 -16.66 11.74 14.54
N VAL D 77 -17.56 11.90 13.59
CA VAL D 77 -17.94 10.87 12.65
C VAL D 77 -17.78 11.48 11.26
N VAL D 78 -17.37 10.68 10.29
CA VAL D 78 -17.25 11.18 8.94
C VAL D 78 -18.40 10.56 8.15
N ALA D 79 -19.36 11.41 7.78
CA ALA D 79 -20.54 10.97 7.04
C ALA D 79 -20.27 11.08 5.54
N MET D 80 -20.66 10.05 4.79
CA MET D 80 -20.42 10.04 3.36
C MET D 80 -21.58 9.46 2.59
N VAL D 81 -21.71 9.88 1.34
CA VAL D 81 -22.74 9.37 0.44
C VAL D 81 -22.00 9.01 -0.83
N PHE D 82 -22.12 7.75 -1.25
CA PHE D 82 -21.48 7.28 -2.47
C PHE D 82 -22.53 6.88 -3.48
N GLU D 83 -22.23 7.09 -4.75
CA GLU D 83 -23.16 6.78 -5.83
C GLU D 83 -22.59 5.81 -6.88
N GLY D 84 -23.44 4.89 -7.33
CA GLY D 84 -23.05 3.92 -8.33
C GLY D 84 -24.01 2.74 -8.37
N LYS D 85 -23.93 1.95 -9.43
CA LYS D 85 -24.79 0.78 -9.59
C LYS D 85 -24.62 -0.19 -8.42
N GLY D 86 -25.75 -0.59 -7.83
CA GLY D 86 -25.74 -1.52 -6.71
C GLY D 86 -24.82 -1.15 -5.57
N VAL D 87 -24.60 0.15 -5.36
CA VAL D 87 -23.72 0.61 -4.30
C VAL D 87 -24.16 0.22 -2.89
N VAL D 88 -25.47 0.14 -2.64
CA VAL D 88 -25.92 -0.22 -1.31
C VAL D 88 -25.42 -1.59 -0.87
N ALA D 89 -25.70 -2.62 -1.66
CA ALA D 89 -25.26 -3.98 -1.32
C ALA D 89 -23.75 -4.13 -1.45
N SER D 90 -23.17 -3.47 -2.44
CA SER D 90 -21.74 -3.55 -2.66
C SER D 90 -20.97 -2.94 -1.47
N ALA D 91 -21.42 -1.77 -1.02
CA ALA D 91 -20.77 -1.12 0.11
C ALA D 91 -20.78 -2.03 1.34
N ARG D 92 -21.88 -2.75 1.53
CA ARG D 92 -22.02 -3.66 2.68
C ARG D 92 -21.03 -4.82 2.56
N LEU D 93 -20.90 -5.36 1.36
CA LEU D 93 -19.98 -6.46 1.11
C LEU D 93 -18.55 -6.01 1.39
N MET D 94 -18.24 -4.77 1.00
CA MET D 94 -16.90 -4.23 1.21
C MET D 94 -16.59 -4.04 2.69
N ILE D 95 -17.63 -3.84 3.50
CA ILE D 95 -17.45 -3.64 4.93
C ILE D 95 -17.24 -4.96 5.69
N GLY D 96 -18.01 -5.99 5.31
CA GLY D 96 -17.91 -7.27 5.97
C GLY D 96 -19.22 -7.64 6.64
N VAL D 97 -19.15 -8.32 7.78
CA VAL D 97 -20.37 -8.70 8.51
C VAL D 97 -20.38 -8.00 9.86
N THR D 98 -21.51 -8.10 10.57
CA THR D 98 -21.64 -7.44 11.87
C THR D 98 -20.49 -7.69 12.84
N ASN D 99 -20.05 -8.94 12.95
CA ASN D 99 -18.95 -9.28 13.85
C ASN D 99 -17.63 -9.14 13.09
N PRO D 100 -16.81 -8.15 13.44
CA PRO D 100 -15.53 -7.93 12.76
C PRO D 100 -14.62 -9.16 12.75
N LEU D 101 -14.69 -9.97 13.80
CA LEU D 101 -13.86 -11.16 13.88
C LEU D 101 -14.26 -12.22 12.85
N ALA D 102 -15.51 -12.17 12.41
CA ALA D 102 -16.02 -13.13 11.43
C ALA D 102 -15.95 -12.56 10.03
N SER D 103 -15.52 -11.30 9.91
CA SER D 103 -15.40 -10.65 8.61
C SER D 103 -14.11 -11.12 7.94
N ALA D 104 -14.22 -11.49 6.68
CA ALA D 104 -13.07 -12.00 5.94
C ALA D 104 -12.02 -10.95 5.64
N PRO D 105 -10.73 -11.36 5.65
CA PRO D 105 -9.70 -10.36 5.36
C PRO D 105 -9.97 -9.82 3.96
N GLY D 106 -9.72 -8.54 3.76
CA GLY D 106 -9.99 -7.92 2.49
C GLY D 106 -11.13 -6.93 2.69
N SER D 107 -12.03 -7.24 3.61
CA SER D 107 -13.16 -6.35 3.93
C SER D 107 -12.64 -5.35 4.97
N ILE D 108 -13.33 -4.23 5.12
CA ILE D 108 -12.90 -3.22 6.07
C ILE D 108 -12.87 -3.74 7.51
N ARG D 109 -13.96 -4.32 7.98
CA ARG D 109 -13.98 -4.85 9.34
C ARG D 109 -13.06 -6.05 9.46
N GLY D 110 -12.96 -6.82 8.38
CA GLY D 110 -12.09 -7.99 8.40
C GLY D 110 -10.65 -7.60 8.59
N ASP D 111 -10.25 -6.47 8.00
CA ASP D 111 -8.87 -6.01 8.11
C ASP D 111 -8.56 -5.15 9.33
N PHE D 112 -9.57 -4.46 9.87
CA PHE D 112 -9.31 -3.53 10.97
C PHE D 112 -10.05 -3.66 12.30
N GLY D 113 -11.06 -4.52 12.39
CA GLY D 113 -11.82 -4.60 13.63
C GLY D 113 -11.84 -5.91 14.39
N VAL D 114 -12.10 -5.81 15.70
CA VAL D 114 -12.16 -6.98 16.56
C VAL D 114 -13.36 -7.02 17.51
N ASP D 115 -14.04 -5.89 17.69
CA ASP D 115 -15.18 -5.81 18.59
C ASP D 115 -16.45 -5.33 17.87
N VAL D 116 -17.57 -6.01 18.11
CA VAL D 116 -18.82 -5.64 17.47
C VAL D 116 -19.24 -4.20 17.81
N GLY D 117 -18.89 -3.74 19.02
CA GLY D 117 -19.24 -2.39 19.43
C GLY D 117 -18.30 -1.32 18.91
N ARG D 118 -17.22 -1.75 18.28
CA ARG D 118 -16.23 -0.83 17.70
C ARG D 118 -16.04 -1.38 16.30
N ASN D 119 -17.11 -1.31 15.50
CA ASN D 119 -17.10 -1.85 14.15
C ASN D 119 -16.64 -0.93 13.02
N ILE D 120 -15.97 0.16 13.39
CA ILE D 120 -15.38 1.09 12.42
C ILE D 120 -16.27 1.90 11.48
N ILE D 121 -17.15 1.21 10.77
CA ILE D 121 -18.01 1.87 9.79
C ILE D 121 -19.32 1.14 9.64
N GLY D 122 -20.34 1.84 9.18
CA GLY D 122 -21.65 1.24 8.95
C GLY D 122 -22.27 1.80 7.68
N GLY D 123 -22.90 0.94 6.90
CA GLY D 123 -23.53 1.38 5.67
C GLY D 123 -25.01 1.05 5.63
N SER D 124 -25.76 1.74 4.77
CA SER D 124 -27.20 1.51 4.65
C SER D 124 -27.44 0.05 4.26
N ASP D 125 -28.48 -0.56 4.81
CA ASP D 125 -28.78 -1.95 4.51
C ASP D 125 -29.72 -2.16 3.32
N SER D 126 -30.32 -1.07 2.85
CA SER D 126 -31.24 -1.12 1.71
C SER D 126 -31.38 0.26 1.07
N VAL D 127 -31.94 0.29 -0.14
CA VAL D 127 -32.15 1.56 -0.83
C VAL D 127 -33.08 2.45 0.00
N GLU D 128 -34.12 1.84 0.56
CA GLU D 128 -35.07 2.58 1.38
C GLU D 128 -34.39 3.21 2.59
N SER D 129 -33.53 2.44 3.26
CA SER D 129 -32.83 2.96 4.43
C SER D 129 -31.81 4.01 4.02
N ALA D 130 -31.16 3.80 2.88
CA ALA D 130 -30.16 4.74 2.38
C ALA D 130 -30.80 6.10 2.15
N ASN D 131 -31.94 6.12 1.46
CA ASN D 131 -32.59 7.39 1.18
C ASN D 131 -33.02 8.10 2.47
N ARG D 132 -33.43 7.32 3.46
CA ARG D 132 -33.84 7.90 4.74
C ARG D 132 -32.64 8.50 5.44
N GLU D 133 -31.56 7.73 5.51
CA GLU D 133 -30.34 8.17 6.17
C GLU D 133 -29.70 9.38 5.49
N ILE D 134 -29.67 9.36 4.16
CA ILE D 134 -29.08 10.47 3.42
C ILE D 134 -29.83 11.76 3.74
N ALA D 135 -31.15 11.67 3.82
CA ALA D 135 -31.97 12.84 4.12
C ALA D 135 -31.81 13.30 5.57
N LEU D 136 -31.47 12.36 6.44
CA LEU D 136 -31.29 12.63 7.86
C LEU D 136 -29.97 13.33 8.16
N TRP D 137 -28.89 12.89 7.52
CA TRP D 137 -27.56 13.45 7.75
C TRP D 137 -27.13 14.60 6.85
N PHE D 138 -27.69 14.67 5.66
CA PHE D 138 -27.31 15.71 4.70
C PHE D 138 -28.46 16.60 4.27
N LYS D 139 -28.12 17.84 3.92
CA LYS D 139 -29.10 18.78 3.41
C LYS D 139 -28.99 18.62 1.89
N PRO D 140 -30.10 18.82 1.16
CA PRO D 140 -30.07 18.67 -0.30
C PRO D 140 -28.91 19.40 -0.99
N GLU D 141 -28.60 20.60 -0.51
CA GLU D 141 -27.53 21.40 -1.12
C GLU D 141 -26.12 20.89 -0.84
N GLU D 142 -25.99 19.92 0.07
CA GLU D 142 -24.70 19.36 0.41
C GLU D 142 -24.39 18.13 -0.45
N LEU D 143 -25.30 17.80 -1.36
CA LEU D 143 -25.14 16.65 -2.24
C LEU D 143 -24.97 17.07 -3.71
N LEU D 144 -24.07 16.41 -4.42
CA LEU D 144 -23.86 16.72 -5.83
C LEU D 144 -25.08 16.33 -6.64
N THR D 145 -25.28 17.01 -7.76
CA THR D 145 -26.41 16.73 -8.65
C THR D 145 -25.85 16.48 -10.04
N GLU D 146 -24.53 16.56 -10.16
CA GLU D 146 -23.82 16.37 -11.42
C GLU D 146 -23.41 14.90 -11.62
N VAL D 147 -22.16 14.60 -11.29
CA VAL D 147 -21.58 13.26 -11.40
C VAL D 147 -20.94 12.98 -12.76
N LYS D 148 -21.77 12.82 -13.78
CA LYS D 148 -21.28 12.54 -15.14
C LYS D 148 -20.72 11.13 -15.22
N PRO D 149 -21.46 10.21 -15.85
CA PRO D 149 -21.07 8.81 -16.01
C PRO D 149 -19.66 8.61 -16.54
N ASN D 150 -18.94 7.66 -15.96
CA ASN D 150 -17.58 7.35 -16.38
C ASN D 150 -17.66 6.14 -17.30
N PRO D 151 -17.30 6.31 -18.58
CA PRO D 151 -17.33 5.25 -19.59
C PRO D 151 -16.40 4.08 -19.30
N ASN D 152 -15.43 4.28 -18.42
CA ASN D 152 -14.50 3.20 -18.07
C ASN D 152 -15.09 2.31 -16.99
N LEU D 153 -16.11 2.81 -16.30
CA LEU D 153 -16.75 2.07 -15.22
C LEU D 153 -18.04 1.38 -15.63
N TYR D 154 -18.81 2.01 -16.51
CA TYR D 154 -20.08 1.46 -16.95
C TYR D 154 -20.21 1.31 -18.46
N GLU D 155 -20.84 0.22 -18.85
CA GLU D 155 -21.07 -0.08 -20.26
C GLU D 155 -22.34 0.62 -20.73
N ASN E 7 4.30 -27.55 -11.82
CA ASN E 7 4.46 -26.10 -11.53
C ASN E 7 4.75 -25.33 -12.81
N LYS E 8 4.53 -25.97 -13.95
CA LYS E 8 4.77 -25.37 -15.26
C LYS E 8 3.45 -24.89 -15.86
N GLU E 9 2.34 -25.12 -15.16
CA GLU E 9 1.04 -24.68 -15.66
C GLU E 9 1.07 -23.20 -15.99
N ARG E 10 0.33 -22.79 -17.02
CA ARG E 10 0.28 -21.40 -17.43
C ARG E 10 -1.14 -20.94 -17.74
N THR E 11 -1.39 -19.64 -17.56
CA THR E 11 -2.70 -19.11 -17.87
C THR E 11 -2.54 -17.78 -18.61
N PHE E 12 -3.56 -17.42 -19.38
CA PHE E 12 -3.52 -16.16 -20.11
C PHE E 12 -4.42 -15.15 -19.41
N LEU E 13 -3.87 -13.95 -19.18
CA LEU E 13 -4.62 -12.88 -18.54
C LEU E 13 -4.59 -11.65 -19.42
N ALA E 14 -5.74 -11.03 -19.59
CA ALA E 14 -5.81 -9.82 -20.39
C ALA E 14 -6.38 -8.68 -19.55
N VAL E 15 -5.57 -7.65 -19.35
CA VAL E 15 -6.05 -6.46 -18.64
C VAL E 15 -6.70 -5.70 -19.79
N LYS E 16 -8.03 -5.66 -19.77
CA LYS E 16 -8.79 -5.04 -20.85
C LYS E 16 -8.70 -3.51 -20.92
N PRO E 17 -9.21 -2.91 -22.00
CA PRO E 17 -9.15 -1.45 -22.14
C PRO E 17 -9.56 -0.62 -20.93
N ASP E 18 -10.56 -1.08 -20.19
CA ASP E 18 -10.99 -0.34 -19.01
C ASP E 18 -9.93 -0.43 -17.92
N GLY E 19 -9.32 -1.61 -17.78
CA GLY E 19 -8.27 -1.78 -16.78
C GLY E 19 -7.06 -0.90 -17.10
N VAL E 20 -6.71 -0.82 -18.37
CA VAL E 20 -5.56 -0.01 -18.78
C VAL E 20 -5.88 1.49 -18.62
N ALA E 21 -7.05 1.90 -19.10
CA ALA E 21 -7.44 3.31 -19.03
C ALA E 21 -7.54 3.81 -17.59
N ARG E 22 -7.87 2.92 -16.68
CA ARG E 22 -8.00 3.28 -15.27
C ARG E 22 -6.70 3.17 -14.47
N GLY E 23 -5.60 2.88 -15.18
CA GLY E 23 -4.29 2.78 -14.55
C GLY E 23 -4.13 1.67 -13.53
N LEU E 24 -4.62 0.49 -13.86
CA LEU E 24 -4.54 -0.64 -12.94
C LEU E 24 -3.58 -1.74 -13.41
N VAL E 25 -2.81 -1.46 -14.47
CA VAL E 25 -1.88 -2.46 -14.99
C VAL E 25 -0.83 -2.88 -13.96
N GLY E 26 -0.18 -1.90 -13.34
CA GLY E 26 0.84 -2.21 -12.34
C GLY E 26 0.28 -2.91 -11.13
N GLU E 27 -0.87 -2.42 -10.65
CA GLU E 27 -1.54 -3.00 -9.49
C GLU E 27 -1.80 -4.49 -9.71
N ILE E 28 -2.29 -4.83 -10.90
CA ILE E 28 -2.60 -6.20 -11.23
C ILE E 28 -1.36 -7.09 -11.37
N ILE E 29 -0.37 -6.61 -12.11
CA ILE E 29 0.86 -7.39 -12.28
C ILE E 29 1.50 -7.66 -10.91
N ALA E 30 1.52 -6.64 -10.06
CA ALA E 30 2.10 -6.78 -8.72
C ALA E 30 1.39 -7.88 -7.92
N ARG E 31 0.07 -7.95 -8.02
CA ARG E 31 -0.67 -8.98 -7.30
C ARG E 31 -0.21 -10.39 -7.67
N TYR E 32 0.00 -10.62 -8.96
CA TYR E 32 0.43 -11.94 -9.42
C TYR E 32 1.90 -12.20 -9.08
N GLU E 33 2.72 -11.17 -9.08
CA GLU E 33 4.13 -11.32 -8.73
C GLU E 33 4.25 -11.68 -7.25
N LYS E 34 3.51 -10.96 -6.41
CA LYS E 34 3.54 -11.19 -4.97
C LYS E 34 3.04 -12.59 -4.61
N LYS E 35 2.10 -13.09 -5.41
CA LYS E 35 1.50 -14.41 -5.21
C LYS E 35 2.54 -15.51 -5.44
N GLY E 36 3.56 -15.21 -6.25
CA GLY E 36 4.58 -16.20 -6.52
C GLY E 36 4.54 -16.74 -7.94
N PHE E 37 3.63 -16.23 -8.76
CA PHE E 37 3.55 -16.68 -10.14
C PHE E 37 4.57 -15.93 -10.97
N VAL E 38 5.15 -16.62 -11.95
CA VAL E 38 6.18 -16.03 -12.81
C VAL E 38 5.66 -15.50 -14.14
N LEU E 39 6.04 -14.27 -14.47
CA LEU E 39 5.63 -13.66 -15.73
C LEU E 39 6.46 -14.29 -16.85
N VAL E 40 5.80 -14.98 -17.79
CA VAL E 40 6.54 -15.59 -18.89
C VAL E 40 6.19 -14.98 -20.23
N GLY E 41 5.27 -14.02 -20.22
CA GLY E 41 4.87 -13.33 -21.43
C GLY E 41 4.20 -12.03 -21.06
N LEU E 42 4.54 -10.95 -21.76
CA LEU E 42 3.95 -9.65 -21.47
C LEU E 42 4.10 -8.66 -22.62
N LYS E 43 3.00 -7.98 -22.96
CA LYS E 43 3.03 -6.98 -24.02
C LYS E 43 1.74 -6.17 -24.05
N GLN E 44 1.85 -4.93 -24.49
CA GLN E 44 0.66 -4.11 -24.65
C GLN E 44 0.41 -4.07 -26.15
N LEU E 45 -0.86 -4.19 -26.54
CA LEU E 45 -1.21 -4.15 -27.94
C LEU E 45 -2.67 -3.73 -28.04
N VAL E 46 -3.09 -3.36 -29.24
CA VAL E 46 -4.49 -3.03 -29.46
C VAL E 46 -4.98 -4.21 -30.29
N PRO E 47 -5.75 -5.12 -29.65
CA PRO E 47 -6.28 -6.32 -30.30
C PRO E 47 -7.04 -6.05 -31.58
N THR E 48 -6.93 -6.98 -32.53
CA THR E 48 -7.63 -6.87 -33.80
C THR E 48 -8.89 -7.72 -33.70
N LYS E 49 -9.83 -7.50 -34.61
CA LYS E 49 -11.10 -8.22 -34.62
C LYS E 49 -10.96 -9.74 -34.72
N ASP E 50 -10.10 -10.21 -35.62
CA ASP E 50 -9.94 -11.65 -35.77
C ASP E 50 -9.39 -12.32 -34.52
N LEU E 51 -8.49 -11.64 -33.83
CA LEU E 51 -7.93 -12.18 -32.59
C LEU E 51 -9.03 -12.25 -31.53
N ALA E 52 -9.78 -11.15 -31.41
CA ALA E 52 -10.87 -11.06 -30.43
C ALA E 52 -11.99 -12.08 -30.67
N GLU E 53 -12.37 -12.27 -31.91
CA GLU E 53 -13.45 -13.22 -32.21
C GLU E 53 -13.06 -14.65 -31.86
N SER E 54 -11.78 -14.99 -32.04
CA SER E 54 -11.32 -16.32 -31.68
C SER E 54 -11.23 -16.42 -30.17
N HIS E 55 -10.81 -15.34 -29.53
CA HIS E 55 -10.70 -15.32 -28.07
C HIS E 55 -12.04 -15.63 -27.40
N TYR E 56 -13.11 -15.01 -27.88
CA TYR E 56 -14.44 -15.19 -27.32
C TYR E 56 -15.31 -16.15 -28.12
N ALA E 57 -14.68 -17.09 -28.82
CA ALA E 57 -15.40 -18.04 -29.66
C ALA E 57 -16.56 -18.79 -29.01
N GLU E 58 -16.45 -19.08 -27.72
CA GLU E 58 -17.52 -19.82 -27.04
C GLU E 58 -18.82 -19.04 -27.00
N HIS E 59 -18.75 -17.74 -27.25
CA HIS E 59 -19.94 -16.89 -27.21
C HIS E 59 -20.36 -16.39 -28.60
N LYS E 60 -19.73 -16.91 -29.65
CA LYS E 60 -20.05 -16.46 -31.00
C LYS E 60 -21.53 -16.48 -31.39
N GLU E 61 -22.32 -17.35 -30.79
CA GLU E 61 -23.75 -17.41 -31.14
C GLU E 61 -24.63 -16.54 -30.22
N ARG E 62 -24.00 -15.86 -29.26
CA ARG E 62 -24.73 -15.02 -28.31
C ARG E 62 -24.76 -13.55 -28.73
N PRO E 63 -25.83 -12.83 -28.37
CA PRO E 63 -25.94 -11.41 -28.73
C PRO E 63 -24.88 -10.45 -28.20
N PHE E 64 -24.23 -10.81 -27.10
CA PHE E 64 -23.21 -9.93 -26.53
C PHE E 64 -21.81 -10.22 -27.04
N PHE E 65 -21.70 -11.14 -27.98
CA PHE E 65 -20.41 -11.50 -28.58
C PHE E 65 -19.82 -10.26 -29.25
N GLY E 66 -20.64 -9.59 -30.06
CA GLY E 66 -20.18 -8.39 -30.74
C GLY E 66 -19.66 -7.33 -29.80
N GLY E 67 -20.36 -7.19 -28.66
CA GLY E 67 -19.96 -6.21 -27.66
C GLY E 67 -18.63 -6.55 -27.00
N LEU E 68 -18.44 -7.82 -26.67
CA LEU E 68 -17.19 -8.27 -26.05
C LEU E 68 -16.03 -8.03 -27.02
N VAL E 69 -16.27 -8.34 -28.29
CA VAL E 69 -15.26 -8.18 -29.33
C VAL E 69 -14.95 -6.71 -29.57
N SER E 70 -15.99 -5.89 -29.71
CA SER E 70 -15.79 -4.47 -29.93
C SER E 70 -15.04 -3.81 -28.79
N PHE E 71 -15.36 -4.19 -27.56
CA PHE E 71 -14.70 -3.55 -26.44
C PHE E 71 -13.23 -3.92 -26.28
N ILE E 72 -12.89 -5.20 -26.39
CA ILE E 72 -11.50 -5.60 -26.21
C ILE E 72 -10.60 -5.09 -27.33
N THR E 73 -11.20 -4.64 -28.44
CA THR E 73 -10.44 -4.10 -29.57
C THR E 73 -10.55 -2.57 -29.65
N SER E 74 -11.20 -1.96 -28.65
CA SER E 74 -11.39 -0.51 -28.63
C SER E 74 -10.22 0.32 -28.15
N GLY E 75 -9.20 -0.33 -27.59
CA GLY E 75 -8.06 0.41 -27.11
C GLY E 75 -6.99 -0.51 -26.60
N PRO E 76 -5.91 0.04 -26.01
CA PRO E 76 -4.81 -0.77 -25.48
C PRO E 76 -5.21 -1.80 -24.44
N VAL E 77 -4.60 -2.97 -24.58
CA VAL E 77 -4.82 -4.11 -23.69
C VAL E 77 -3.43 -4.60 -23.30
N VAL E 78 -3.27 -5.04 -22.05
CA VAL E 78 -1.98 -5.58 -21.64
C VAL E 78 -2.19 -7.07 -21.49
N ALA E 79 -1.57 -7.83 -22.39
CA ALA E 79 -1.67 -9.28 -22.41
C ALA E 79 -0.53 -9.88 -21.61
N MET E 80 -0.84 -10.88 -20.80
CA MET E 80 0.17 -11.52 -19.96
C MET E 80 -0.04 -13.02 -19.84
N VAL E 81 1.06 -13.71 -19.53
CA VAL E 81 1.02 -15.14 -19.32
C VAL E 81 1.80 -15.36 -18.03
N PHE E 82 1.18 -16.02 -17.06
CA PHE E 82 1.82 -16.31 -15.79
C PHE E 82 1.96 -17.82 -15.62
N GLU E 83 3.05 -18.23 -14.99
CA GLU E 83 3.35 -19.64 -14.79
C GLU E 83 3.43 -20.02 -13.31
N GLY E 84 2.90 -21.19 -12.98
CA GLY E 84 2.94 -21.66 -11.60
C GLY E 84 1.93 -22.76 -11.33
N LYS E 85 2.10 -23.45 -10.19
CA LYS E 85 1.20 -24.52 -9.80
C LYS E 85 -0.24 -24.02 -9.69
N GLY E 86 -1.16 -24.70 -10.39
CA GLY E 86 -2.56 -24.32 -10.35
C GLY E 86 -2.85 -22.86 -10.67
N VAL E 87 -2.00 -22.25 -11.48
CA VAL E 87 -2.17 -20.85 -11.83
C VAL E 87 -3.49 -20.51 -12.52
N VAL E 88 -4.05 -21.43 -13.31
CA VAL E 88 -5.30 -21.14 -13.99
C VAL E 88 -6.45 -20.87 -13.01
N ALA E 89 -6.71 -21.83 -12.12
CA ALA E 89 -7.78 -21.67 -11.14
C ALA E 89 -7.48 -20.57 -10.13
N SER E 90 -6.21 -20.46 -9.75
CA SER E 90 -5.80 -19.45 -8.79
C SER E 90 -6.00 -18.04 -9.34
N ALA E 91 -5.62 -17.82 -10.59
CA ALA E 91 -5.75 -16.52 -11.22
C ALA E 91 -7.22 -16.09 -11.27
N ARG E 92 -8.12 -17.05 -11.54
CA ARG E 92 -9.55 -16.74 -11.58
C ARG E 92 -10.03 -16.32 -10.19
N LEU E 93 -9.59 -17.05 -9.17
CA LEU E 93 -9.97 -16.74 -7.80
C LEU E 93 -9.47 -15.35 -7.42
N MET E 94 -8.27 -15.00 -7.88
CA MET E 94 -7.70 -13.70 -7.57
C MET E 94 -8.45 -12.57 -8.26
N ILE E 95 -9.08 -12.88 -9.39
CA ILE E 95 -9.84 -11.90 -10.14
C ILE E 95 -11.23 -11.68 -9.54
N GLY E 96 -11.89 -12.77 -9.15
CA GLY E 96 -13.22 -12.68 -8.56
C GLY E 96 -14.21 -13.41 -9.45
N VAL E 97 -15.48 -12.98 -9.43
CA VAL E 97 -16.48 -13.61 -10.28
C VAL E 97 -16.87 -12.67 -11.41
N THR E 98 -17.62 -13.19 -12.38
CA THR E 98 -18.03 -12.39 -13.53
C THR E 98 -18.54 -10.99 -13.21
N ASN E 99 -19.44 -10.90 -12.24
CA ASN E 99 -20.00 -9.61 -11.82
C ASN E 99 -19.13 -9.02 -10.73
N PRO E 100 -18.47 -7.88 -11.01
CA PRO E 100 -17.62 -7.25 -10.00
C PRO E 100 -18.35 -6.89 -8.70
N LEU E 101 -19.64 -6.55 -8.81
CA LEU E 101 -20.40 -6.18 -7.62
C LEU E 101 -20.57 -7.35 -6.66
N ALA E 102 -20.52 -8.57 -7.19
CA ALA E 102 -20.67 -9.77 -6.39
C ALA E 102 -19.32 -10.37 -6.00
N SER E 103 -18.23 -9.75 -6.49
CA SER E 103 -16.89 -10.22 -6.18
C SER E 103 -16.49 -9.74 -4.80
N ALA E 104 -15.89 -10.63 -4.01
CA ALA E 104 -15.49 -10.31 -2.64
C ALA E 104 -14.35 -9.32 -2.54
N PRO E 105 -14.38 -8.44 -1.53
CA PRO E 105 -13.28 -7.48 -1.41
C PRO E 105 -12.00 -8.31 -1.26
N GLY E 106 -10.92 -7.84 -1.88
CA GLY E 106 -9.67 -8.57 -1.83
C GLY E 106 -9.36 -9.09 -3.23
N SER E 107 -10.41 -9.39 -4.00
CA SER E 107 -10.21 -9.86 -5.37
C SER E 107 -10.06 -8.61 -6.23
N ILE E 108 -9.51 -8.75 -7.43
CA ILE E 108 -9.32 -7.60 -8.31
C ILE E 108 -10.65 -6.92 -8.65
N ARG E 109 -11.63 -7.69 -9.12
CA ARG E 109 -12.92 -7.11 -9.46
C ARG E 109 -13.66 -6.63 -8.22
N GLY E 110 -13.46 -7.33 -7.10
CA GLY E 110 -14.13 -6.94 -5.88
C GLY E 110 -13.63 -5.60 -5.38
N ASP E 111 -12.35 -5.33 -5.60
CA ASP E 111 -11.77 -4.07 -5.16
C ASP E 111 -11.92 -2.92 -6.15
N PHE E 112 -11.99 -3.22 -7.45
CA PHE E 112 -12.02 -2.17 -8.45
C PHE E 112 -13.15 -2.06 -9.47
N GLY E 113 -14.04 -3.05 -9.54
CA GLY E 113 -15.07 -2.98 -10.56
C GLY E 113 -16.51 -2.89 -10.10
N VAL E 114 -17.38 -2.40 -10.99
CA VAL E 114 -18.80 -2.25 -10.68
C VAL E 114 -19.74 -2.74 -11.79
N ASP E 115 -19.20 -3.05 -12.96
CA ASP E 115 -20.04 -3.47 -14.09
C ASP E 115 -19.47 -4.68 -14.82
N VAL E 116 -20.36 -5.60 -15.19
CA VAL E 116 -19.97 -6.83 -15.89
C VAL E 116 -19.21 -6.57 -17.20
N GLY E 117 -19.63 -5.55 -17.95
CA GLY E 117 -18.99 -5.23 -19.21
C GLY E 117 -17.69 -4.45 -19.07
N ARG E 118 -17.41 -4.01 -17.84
CA ARG E 118 -16.20 -3.27 -17.54
C ARG E 118 -15.62 -3.94 -16.32
N ASN E 119 -15.27 -5.23 -16.45
CA ASN E 119 -14.74 -5.95 -15.31
C ASN E 119 -13.22 -6.06 -15.25
N ILE E 120 -12.56 -5.06 -15.84
CA ILE E 120 -11.10 -4.90 -15.76
C ILE E 120 -10.12 -5.90 -16.36
N ILE E 121 -10.30 -7.17 -16.02
CA ILE E 121 -9.38 -8.21 -16.47
C ILE E 121 -10.11 -9.53 -16.63
N GLY E 122 -9.60 -10.38 -17.51
CA GLY E 122 -10.19 -11.68 -17.72
C GLY E 122 -9.10 -12.72 -17.81
N GLY E 123 -9.29 -13.86 -17.16
CA GLY E 123 -8.32 -14.93 -17.21
C GLY E 123 -8.91 -16.19 -17.81
N SER E 124 -8.06 -17.10 -18.26
CA SER E 124 -8.53 -18.36 -18.85
C SER E 124 -9.34 -19.15 -17.83
N ASP E 125 -10.43 -19.78 -18.27
CA ASP E 125 -11.28 -20.53 -17.35
C ASP E 125 -10.87 -21.98 -17.13
N SER E 126 -9.89 -22.45 -17.88
CA SER E 126 -9.40 -23.82 -17.76
C SER E 126 -8.03 -23.97 -18.41
N VAL E 127 -7.36 -25.08 -18.13
CA VAL E 127 -6.04 -25.32 -18.71
C VAL E 127 -6.17 -25.42 -20.23
N GLU E 128 -7.24 -26.05 -20.69
CA GLU E 128 -7.47 -26.19 -22.13
C GLU E 128 -7.60 -24.80 -22.77
N SER E 129 -8.42 -23.95 -22.16
CA SER E 129 -8.63 -22.60 -22.68
C SER E 129 -7.36 -21.77 -22.58
N ALA E 130 -6.59 -22.00 -21.52
CA ALA E 130 -5.34 -21.26 -21.33
C ALA E 130 -4.37 -21.56 -22.46
N ASN E 131 -4.20 -22.84 -22.77
CA ASN E 131 -3.29 -23.23 -23.85
C ASN E 131 -3.77 -22.65 -25.18
N ARG E 132 -5.08 -22.65 -25.38
CA ARG E 132 -5.66 -22.12 -26.62
C ARG E 132 -5.45 -20.62 -26.70
N GLU E 133 -5.72 -19.91 -25.62
CA GLU E 133 -5.56 -18.46 -25.59
C GLU E 133 -4.10 -18.01 -25.68
N ILE E 134 -3.21 -18.70 -25.00
CA ILE E 134 -1.80 -18.35 -25.07
C ILE E 134 -1.30 -18.43 -26.51
N ALA E 135 -1.74 -19.48 -27.21
CA ALA E 135 -1.36 -19.70 -28.60
C ALA E 135 -1.89 -18.60 -29.51
N LEU E 136 -3.09 -18.09 -29.20
CA LEU E 136 -3.71 -17.04 -30.00
C LEU E 136 -3.06 -15.67 -29.81
N TRP E 137 -2.70 -15.35 -28.57
CA TRP E 137 -2.13 -14.04 -28.26
C TRP E 137 -0.61 -13.88 -28.31
N PHE E 138 0.13 -14.97 -28.07
CA PHE E 138 1.59 -14.90 -28.06
C PHE E 138 2.29 -15.83 -29.03
N LYS E 139 3.40 -15.35 -29.59
CA LYS E 139 4.21 -16.18 -30.47
C LYS E 139 5.14 -16.93 -29.51
N PRO E 140 5.59 -18.14 -29.89
CA PRO E 140 6.47 -18.88 -28.99
C PRO E 140 7.71 -18.09 -28.55
N GLU E 141 8.25 -17.28 -29.47
CA GLU E 141 9.44 -16.49 -29.18
C GLU E 141 9.23 -15.41 -28.13
N GLU E 142 7.98 -15.08 -27.85
CA GLU E 142 7.66 -14.04 -26.87
C GLU E 142 7.44 -14.63 -25.48
N LEU E 143 7.65 -15.94 -25.35
CA LEU E 143 7.46 -16.63 -24.08
C LEU E 143 8.77 -17.18 -23.55
N LEU E 144 9.00 -16.99 -22.26
CA LEU E 144 10.21 -17.50 -21.63
C LEU E 144 10.23 -19.02 -21.69
N THR E 145 11.43 -19.58 -21.78
CA THR E 145 11.59 -21.03 -21.81
C THR E 145 12.34 -21.43 -20.54
N GLU E 146 13.18 -20.51 -20.08
CA GLU E 146 13.98 -20.72 -18.88
C GLU E 146 13.32 -20.01 -17.70
N VAL E 147 12.94 -20.78 -16.69
CA VAL E 147 12.30 -20.22 -15.50
C VAL E 147 13.02 -20.62 -14.22
N LYS E 148 12.99 -21.91 -13.91
CA LYS E 148 13.62 -22.46 -12.71
C LYS E 148 12.77 -22.16 -11.48
N PRO E 149 12.19 -23.21 -10.87
CA PRO E 149 11.35 -23.04 -9.68
C PRO E 149 12.07 -22.38 -8.50
N ASN E 150 11.38 -21.46 -7.85
CA ASN E 150 11.91 -20.73 -6.70
C ASN E 150 11.75 -21.62 -5.47
N PRO E 151 12.87 -21.99 -4.82
CA PRO E 151 12.82 -22.85 -3.63
C PRO E 151 12.03 -22.26 -2.46
N ASN E 152 11.81 -20.95 -2.48
CA ASN E 152 11.05 -20.31 -1.40
C ASN E 152 9.55 -20.42 -1.65
N LEU E 153 9.17 -20.79 -2.88
CA LEU E 153 7.77 -20.91 -3.22
C LEU E 153 7.32 -22.36 -3.42
N TYR E 154 8.24 -23.23 -3.80
CA TYR E 154 7.91 -24.62 -4.04
C TYR E 154 8.76 -25.60 -3.23
N GLU E 155 8.11 -26.64 -2.71
CA GLU E 155 8.78 -27.65 -1.91
C GLU E 155 9.43 -28.69 -2.83
N VAL F 6 -11.99 -13.94 26.37
CA VAL F 6 -11.73 -12.58 26.93
C VAL F 6 -10.89 -11.79 25.93
N ASN F 7 -10.68 -10.50 26.22
CA ASN F 7 -9.90 -9.65 25.34
C ASN F 7 -8.40 -9.90 25.51
N LYS F 8 -8.04 -10.82 26.41
CA LYS F 8 -6.64 -11.13 26.65
C LYS F 8 -6.20 -12.45 26.05
N GLU F 9 -7.03 -13.01 25.18
CA GLU F 9 -6.71 -14.28 24.52
C GLU F 9 -5.43 -14.05 23.71
N ARG F 10 -4.61 -15.08 23.59
CA ARG F 10 -3.36 -14.97 22.84
C ARG F 10 -3.16 -16.14 21.88
N THR F 11 -2.39 -15.91 20.83
CA THR F 11 -2.09 -16.96 19.86
C THR F 11 -0.63 -16.88 19.44
N PHE F 12 -0.09 -18.01 19.00
CA PHE F 12 1.30 -18.06 18.53
C PHE F 12 1.35 -18.11 17.01
N LEU F 13 2.16 -17.25 16.42
CA LEU F 13 2.31 -17.22 14.97
C LEU F 13 3.78 -17.35 14.63
N ALA F 14 4.08 -18.16 13.62
CA ALA F 14 5.45 -18.35 13.20
C ALA F 14 5.58 -18.06 11.70
N VAL F 15 6.36 -17.05 11.36
CA VAL F 15 6.60 -16.74 9.96
C VAL F 15 7.74 -17.69 9.67
N LYS F 16 7.46 -18.72 8.90
CA LYS F 16 8.44 -19.75 8.59
C LYS F 16 9.58 -19.30 7.68
N PRO F 17 10.63 -20.14 7.54
CA PRO F 17 11.75 -19.76 6.69
C PRO F 17 11.43 -19.19 5.31
N ASP F 18 10.38 -19.67 4.67
CA ASP F 18 10.02 -19.15 3.35
C ASP F 18 9.47 -17.73 3.45
N GLY F 19 8.67 -17.48 4.47
CA GLY F 19 8.11 -16.14 4.67
C GLY F 19 9.21 -15.15 4.97
N VAL F 20 10.17 -15.57 5.78
CA VAL F 20 11.28 -14.70 6.14
C VAL F 20 12.19 -14.45 4.93
N ALA F 21 12.51 -15.52 4.21
CA ALA F 21 13.37 -15.39 3.04
C ALA F 21 12.76 -14.53 1.94
N ARG F 22 11.43 -14.49 1.88
CA ARG F 22 10.75 -13.72 0.85
C ARG F 22 10.45 -12.28 1.29
N GLY F 23 10.93 -11.91 2.47
CA GLY F 23 10.75 -10.56 2.98
C GLY F 23 9.30 -10.20 3.28
N LEU F 24 8.58 -11.10 3.92
CA LEU F 24 7.18 -10.87 4.24
C LEU F 24 6.91 -10.65 5.73
N VAL F 25 7.97 -10.55 6.54
CA VAL F 25 7.80 -10.36 7.96
C VAL F 25 7.04 -9.08 8.33
N GLY F 26 7.48 -7.94 7.78
CA GLY F 26 6.83 -6.68 8.08
C GLY F 26 5.38 -6.62 7.59
N GLU F 27 5.16 -7.12 6.38
CA GLU F 27 3.83 -7.15 5.78
C GLU F 27 2.88 -7.89 6.72
N ILE F 28 3.34 -9.03 7.22
CA ILE F 28 2.53 -9.85 8.11
C ILE F 28 2.27 -9.17 9.47
N ILE F 29 3.33 -8.66 10.10
CA ILE F 29 3.15 -8.00 11.38
C ILE F 29 2.19 -6.82 11.25
N ALA F 30 2.31 -6.07 10.15
CA ALA F 30 1.44 -4.92 9.93
C ALA F 30 -0.04 -5.32 9.85
N ARG F 31 -0.31 -6.44 9.19
CA ARG F 31 -1.70 -6.90 9.06
C ARG F 31 -2.32 -7.13 10.43
N TYR F 32 -1.56 -7.71 11.35
CA TYR F 32 -2.07 -7.97 12.68
C TYR F 32 -2.15 -6.71 13.52
N GLU F 33 -1.23 -5.78 13.30
CA GLU F 33 -1.25 -4.51 14.02
C GLU F 33 -2.46 -3.70 13.58
N LYS F 34 -2.71 -3.66 12.27
CA LYS F 34 -3.84 -2.92 11.73
C LYS F 34 -5.17 -3.47 12.20
N LYS F 35 -5.20 -4.78 12.43
CA LYS F 35 -6.40 -5.48 12.88
C LYS F 35 -6.76 -5.08 14.31
N GLY F 36 -5.76 -4.65 15.08
CA GLY F 36 -6.02 -4.24 16.45
C GLY F 36 -5.42 -5.17 17.48
N PHE F 37 -4.77 -6.23 17.03
CA PHE F 37 -4.14 -7.17 17.95
C PHE F 37 -2.81 -6.61 18.44
N VAL F 38 -2.49 -6.88 19.69
CA VAL F 38 -1.26 -6.38 20.29
C VAL F 38 -0.13 -7.40 20.33
N LEU F 39 1.05 -6.97 19.91
CA LEU F 39 2.22 -7.85 19.91
C LEU F 39 2.70 -7.95 21.36
N VAL F 40 2.72 -9.16 21.92
CA VAL F 40 3.17 -9.32 23.29
C VAL F 40 4.46 -10.15 23.38
N GLY F 41 4.89 -10.66 22.23
CA GLY F 41 6.11 -11.45 22.15
C GLY F 41 6.63 -11.43 20.73
N LEU F 42 7.94 -11.27 20.56
CA LEU F 42 8.53 -11.22 19.23
C LEU F 42 10.02 -11.50 19.21
N LYS F 43 10.45 -12.33 18.27
CA LYS F 43 11.87 -12.63 18.13
C LYS F 43 12.16 -13.47 16.90
N GLN F 44 13.38 -13.36 16.40
CA GLN F 44 13.79 -14.17 15.27
C GLN F 44 14.79 -15.19 15.83
N LEU F 45 14.70 -16.42 15.35
CA LEU F 45 15.60 -17.48 15.79
C LEU F 45 15.62 -18.60 14.76
N VAL F 46 16.57 -19.50 14.89
CA VAL F 46 16.63 -20.66 14.01
C VAL F 46 16.23 -21.80 14.93
N PRO F 47 14.99 -22.31 14.78
CA PRO F 47 14.47 -23.40 15.61
C PRO F 47 15.35 -24.64 15.67
N THR F 48 15.46 -25.23 16.86
CA THR F 48 16.24 -26.44 17.04
C THR F 48 15.29 -27.56 16.63
N LYS F 49 15.84 -28.75 16.37
CA LYS F 49 15.02 -29.88 15.98
C LYS F 49 14.06 -30.24 17.13
N ASP F 50 14.53 -30.14 18.36
CA ASP F 50 13.69 -30.44 19.52
C ASP F 50 12.47 -29.53 19.53
N LEU F 51 12.69 -28.23 19.33
CA LEU F 51 11.58 -27.29 19.32
C LEU F 51 10.61 -27.60 18.19
N ALA F 52 11.16 -27.83 16.99
CA ALA F 52 10.34 -28.13 15.82
C ALA F 52 9.47 -29.37 16.03
N GLU F 53 10.07 -30.44 16.54
CA GLU F 53 9.32 -31.67 16.76
C GLU F 53 8.24 -31.51 17.83
N SER F 54 8.51 -30.68 18.84
CA SER F 54 7.53 -30.44 19.89
C SER F 54 6.38 -29.62 19.31
N HIS F 55 6.73 -28.64 18.48
CA HIS F 55 5.76 -27.78 17.84
C HIS F 55 4.78 -28.58 16.97
N TYR F 56 5.31 -29.52 16.20
CA TYR F 56 4.51 -30.35 15.31
C TYR F 56 4.19 -31.74 15.87
N ALA F 57 4.18 -31.86 17.19
CA ALA F 57 3.92 -33.13 17.85
C ALA F 57 2.70 -33.92 17.34
N GLU F 58 1.62 -33.21 17.01
CA GLU F 58 0.42 -33.91 16.55
C GLU F 58 0.65 -34.73 15.29
N HIS F 59 1.66 -34.36 14.50
CA HIS F 59 1.98 -35.04 13.26
C HIS F 59 3.16 -36.00 13.35
N LYS F 60 3.57 -36.33 14.57
CA LYS F 60 4.70 -37.22 14.78
C LYS F 60 4.67 -38.50 13.96
N GLU F 61 3.47 -39.04 13.73
CA GLU F 61 3.34 -40.28 12.98
C GLU F 61 2.85 -40.10 11.53
N ARG F 62 2.86 -38.87 11.05
CA ARG F 62 2.44 -38.59 9.68
C ARG F 62 3.67 -38.64 8.77
N PRO F 63 3.50 -39.07 7.52
CA PRO F 63 4.60 -39.16 6.56
C PRO F 63 5.35 -37.86 6.28
N PHE F 64 4.67 -36.73 6.48
CA PHE F 64 5.27 -35.43 6.22
C PHE F 64 5.90 -34.76 7.44
N PHE F 65 5.86 -35.46 8.58
CA PHE F 65 6.44 -34.91 9.81
C PHE F 65 7.89 -34.48 9.63
N GLY F 66 8.71 -35.38 9.13
CA GLY F 66 10.12 -35.08 8.92
C GLY F 66 10.33 -33.84 8.08
N GLY F 67 9.52 -33.71 7.02
CA GLY F 67 9.62 -32.58 6.14
C GLY F 67 9.27 -31.27 6.83
N LEU F 68 8.22 -31.28 7.63
CA LEU F 68 7.80 -30.08 8.36
C LEU F 68 8.93 -29.64 9.28
N VAL F 69 9.50 -30.60 9.98
CA VAL F 69 10.58 -30.36 10.93
C VAL F 69 11.86 -29.91 10.23
N SER F 70 12.22 -30.57 9.13
CA SER F 70 13.42 -30.21 8.39
C SER F 70 13.30 -28.79 7.83
N PHE F 71 12.12 -28.44 7.34
CA PHE F 71 11.98 -27.11 6.76
C PHE F 71 11.94 -25.96 7.76
N ILE F 72 11.23 -26.13 8.87
CA ILE F 72 11.15 -25.03 9.84
C ILE F 72 12.47 -24.76 10.55
N THR F 73 13.39 -25.73 10.48
CA THR F 73 14.70 -25.58 11.11
C THR F 73 15.78 -25.25 10.08
N SER F 74 15.36 -25.13 8.82
CA SER F 74 16.28 -24.85 7.72
C SER F 74 16.77 -23.41 7.63
N GLY F 75 16.14 -22.51 8.38
CA GLY F 75 16.55 -21.11 8.33
C GLY F 75 15.85 -20.28 9.40
N PRO F 76 16.08 -18.95 9.40
CA PRO F 76 15.44 -18.10 10.40
C PRO F 76 13.92 -18.10 10.35
N VAL F 77 13.34 -18.01 11.53
CA VAL F 77 11.90 -17.98 11.72
C VAL F 77 11.61 -16.79 12.62
N VAL F 78 10.51 -16.08 12.34
CA VAL F 78 10.12 -14.97 13.19
C VAL F 78 8.90 -15.42 13.97
N ALA F 79 9.12 -15.63 15.27
CA ALA F 79 8.07 -16.09 16.17
C ALA F 79 7.41 -14.91 16.86
N MET F 80 6.09 -14.94 16.93
CA MET F 80 5.37 -13.85 17.56
C MET F 80 4.12 -14.31 18.31
N VAL F 81 3.71 -13.51 19.27
CA VAL F 81 2.53 -13.78 20.06
C VAL F 81 1.67 -12.52 20.01
N PHE F 82 0.42 -12.68 19.61
CA PHE F 82 -0.52 -11.56 19.53
C PHE F 82 -1.66 -11.77 20.51
N GLU F 83 -2.13 -10.67 21.08
CA GLU F 83 -3.22 -10.71 22.06
C GLU F 83 -4.43 -9.90 21.63
N GLY F 84 -5.61 -10.44 21.89
CA GLY F 84 -6.84 -9.75 21.56
C GLY F 84 -8.03 -10.68 21.59
N LYS F 85 -9.23 -10.11 21.54
CA LYS F 85 -10.44 -10.90 21.55
C LYS F 85 -10.48 -11.87 20.37
N GLY F 86 -10.70 -13.14 20.66
CA GLY F 86 -10.78 -14.16 19.62
C GLY F 86 -9.62 -14.19 18.64
N VAL F 87 -8.44 -13.81 19.11
CA VAL F 87 -7.26 -13.76 18.24
C VAL F 87 -6.85 -15.10 17.62
N VAL F 88 -7.10 -16.21 18.31
CA VAL F 88 -6.72 -17.50 17.76
C VAL F 88 -7.46 -17.79 16.44
N ALA F 89 -8.78 -17.81 16.49
CA ALA F 89 -9.57 -18.07 15.28
C ALA F 89 -9.41 -16.96 14.25
N SER F 90 -9.33 -15.71 14.73
CA SER F 90 -9.18 -14.59 13.81
C SER F 90 -7.88 -14.66 13.02
N ALA F 91 -6.78 -14.96 13.70
CA ALA F 91 -5.47 -15.07 13.03
C ALA F 91 -5.48 -16.16 11.96
N ARG F 92 -6.17 -17.26 12.24
CA ARG F 92 -6.25 -18.34 11.28
C ARG F 92 -7.02 -17.88 10.04
N LEU F 93 -8.08 -17.12 10.26
CA LEU F 93 -8.90 -16.61 9.16
C LEU F 93 -8.07 -15.64 8.30
N MET F 94 -7.26 -14.81 8.97
CA MET F 94 -6.43 -13.85 8.27
C MET F 94 -5.32 -14.52 7.46
N ILE F 95 -4.94 -15.73 7.87
CA ILE F 95 -3.90 -16.49 7.17
C ILE F 95 -4.47 -17.20 5.94
N GLY F 96 -5.65 -17.80 6.09
CA GLY F 96 -6.27 -18.52 4.99
C GLY F 96 -6.44 -19.97 5.37
N VAL F 97 -6.39 -20.86 4.38
CA VAL F 97 -6.51 -22.29 4.64
C VAL F 97 -5.16 -22.96 4.37
N THR F 98 -5.03 -24.23 4.74
CA THR F 98 -3.75 -24.93 4.56
C THR F 98 -3.12 -24.79 3.18
N ASN F 99 -3.93 -24.95 2.14
CA ASN F 99 -3.48 -24.83 0.75
C ASN F 99 -3.58 -23.37 0.29
N PRO F 100 -2.44 -22.70 0.07
CA PRO F 100 -2.44 -21.31 -0.37
C PRO F 100 -3.24 -21.07 -1.66
N LEU F 101 -3.28 -22.06 -2.55
CA LEU F 101 -4.01 -21.90 -3.80
C LEU F 101 -5.52 -21.82 -3.59
N ALA F 102 -5.99 -22.42 -2.49
CA ALA F 102 -7.41 -22.41 -2.16
C ALA F 102 -7.76 -21.29 -1.20
N SER F 103 -6.76 -20.51 -0.80
CA SER F 103 -6.96 -19.39 0.12
C SER F 103 -7.45 -18.17 -0.64
N ALA F 104 -8.47 -17.52 -0.12
CA ALA F 104 -9.06 -16.36 -0.77
C ALA F 104 -8.16 -15.13 -0.83
N PRO F 105 -8.21 -14.37 -1.93
CA PRO F 105 -7.35 -13.19 -1.99
C PRO F 105 -7.76 -12.31 -0.81
N GLY F 106 -6.79 -11.65 -0.19
CA GLY F 106 -7.08 -10.83 0.97
C GLY F 106 -6.44 -11.49 2.18
N SER F 107 -6.34 -12.82 2.15
CA SER F 107 -5.70 -13.55 3.24
C SER F 107 -4.21 -13.61 2.94
N ILE F 108 -3.39 -13.87 3.94
CA ILE F 108 -1.94 -13.93 3.74
C ILE F 108 -1.53 -14.98 2.71
N ARG F 109 -1.96 -16.22 2.91
CA ARG F 109 -1.60 -17.28 1.96
C ARG F 109 -2.29 -17.04 0.62
N GLY F 110 -3.50 -16.51 0.66
CA GLY F 110 -4.22 -16.23 -0.57
C GLY F 110 -3.50 -15.21 -1.42
N ASP F 111 -2.86 -14.25 -0.77
CA ASP F 111 -2.14 -13.20 -1.48
C ASP F 111 -0.69 -13.53 -1.83
N PHE F 112 -0.04 -14.38 -1.03
CA PHE F 112 1.38 -14.65 -1.26
C PHE F 112 1.88 -16.07 -1.49
N GLY F 113 1.03 -17.09 -1.34
CA GLY F 113 1.53 -18.44 -1.50
C GLY F 113 0.92 -19.32 -2.56
N VAL F 114 1.65 -20.37 -2.94
CA VAL F 114 1.19 -21.31 -3.95
C VAL F 114 1.40 -22.79 -3.60
N ASP F 115 2.19 -23.07 -2.56
CA ASP F 115 2.48 -24.45 -2.18
C ASP F 115 2.19 -24.75 -0.69
N VAL F 116 1.57 -25.89 -0.44
CA VAL F 116 1.24 -26.30 0.92
C VAL F 116 2.46 -26.34 1.84
N GLY F 117 3.59 -26.82 1.31
CA GLY F 117 4.82 -26.92 2.09
C GLY F 117 5.58 -25.61 2.22
N ARG F 118 5.12 -24.59 1.51
CA ARG F 118 5.74 -23.27 1.56
C ARG F 118 4.57 -22.32 1.74
N ASN F 119 3.85 -22.48 2.84
CA ASN F 119 2.69 -21.64 3.11
C ASN F 119 2.91 -20.42 4.00
N ILE F 120 4.16 -19.94 4.00
CA ILE F 120 4.55 -18.70 4.68
C ILE F 120 4.47 -18.52 6.18
N ILE F 121 3.30 -18.83 6.75
CA ILE F 121 3.08 -18.62 8.17
C ILE F 121 2.12 -19.66 8.71
N GLY F 122 2.23 -19.94 10.00
CA GLY F 122 1.34 -20.89 10.63
C GLY F 122 0.92 -20.34 11.98
N GLY F 123 -0.38 -20.40 12.27
CA GLY F 123 -0.89 -19.92 13.55
C GLY F 123 -1.50 -21.05 14.35
N SER F 124 -1.65 -20.85 15.66
CA SER F 124 -2.24 -21.86 16.54
C SER F 124 -3.64 -22.21 16.09
N ASP F 125 -4.01 -23.49 16.16
CA ASP F 125 -5.35 -23.88 15.72
C ASP F 125 -6.42 -23.81 16.80
N SER F 126 -6.02 -23.55 18.04
CA SER F 126 -6.96 -23.47 19.15
C SER F 126 -6.34 -22.76 20.35
N VAL F 127 -7.17 -22.39 21.31
CA VAL F 127 -6.68 -21.73 22.52
C VAL F 127 -5.73 -22.66 23.26
N GLU F 128 -6.07 -23.95 23.31
CA GLU F 128 -5.22 -24.92 23.99
C GLU F 128 -3.86 -25.03 23.30
N SER F 129 -3.88 -25.12 21.97
CA SER F 129 -2.63 -25.21 21.22
C SER F 129 -1.82 -23.93 21.35
N ALA F 130 -2.51 -22.79 21.35
CA ALA F 130 -1.82 -21.51 21.47
C ALA F 130 -1.04 -21.45 22.78
N ASN F 131 -1.69 -21.82 23.88
CA ASN F 131 -1.04 -21.79 25.17
C ASN F 131 0.15 -22.75 25.19
N ARG F 132 0.01 -23.90 24.55
CA ARG F 132 1.08 -24.89 24.50
C ARG F 132 2.25 -24.35 23.67
N GLU F 133 1.94 -23.79 22.51
CA GLU F 133 2.96 -23.24 21.63
C GLU F 133 3.68 -22.03 22.20
N ILE F 134 2.94 -21.13 22.84
CA ILE F 134 3.55 -19.94 23.42
C ILE F 134 4.60 -20.32 24.46
N ALA F 135 4.25 -21.27 25.33
CA ALA F 135 5.18 -21.70 26.37
C ALA F 135 6.38 -22.43 25.78
N LEU F 136 6.18 -23.00 24.60
CA LEU F 136 7.23 -23.74 23.91
C LEU F 136 8.26 -22.82 23.25
N TRP F 137 7.79 -21.78 22.58
CA TRP F 137 8.66 -20.86 21.87
C TRP F 137 9.17 -19.67 22.69
N PHE F 138 8.42 -19.27 23.71
CA PHE F 138 8.82 -18.14 24.53
C PHE F 138 8.92 -18.42 26.02
N LYS F 139 9.80 -17.68 26.67
CA LYS F 139 9.96 -17.79 28.12
C LYS F 139 9.06 -16.70 28.66
N PRO F 140 8.55 -16.86 29.89
CA PRO F 140 7.66 -15.84 30.46
C PRO F 140 8.21 -14.42 30.41
N GLU F 141 9.50 -14.26 30.67
CA GLU F 141 10.15 -12.95 30.69
C GLU F 141 10.16 -12.26 29.32
N GLU F 142 9.87 -13.02 28.26
CA GLU F 142 9.88 -12.47 26.92
C GLU F 142 8.50 -12.02 26.47
N LEU F 143 7.52 -12.13 27.35
CA LEU F 143 6.15 -11.74 27.02
C LEU F 143 5.69 -10.57 27.88
N LEU F 144 5.00 -9.62 27.25
CA LEU F 144 4.48 -8.46 27.99
C LEU F 144 3.45 -8.96 28.99
N THR F 145 3.42 -8.37 30.17
CA THR F 145 2.47 -8.80 31.19
C THR F 145 1.17 -7.99 31.14
N GLU F 146 1.29 -6.68 31.09
CA GLU F 146 0.12 -5.81 31.03
C GLU F 146 -0.01 -5.15 29.66
N VAL F 147 -1.24 -5.03 29.18
CA VAL F 147 -1.48 -4.43 27.87
C VAL F 147 -2.45 -3.25 27.96
N LYS F 148 -3.49 -3.41 28.76
CA LYS F 148 -4.50 -2.36 28.93
C LYS F 148 -5.25 -2.17 27.62
N PRO F 149 -6.55 -2.52 27.60
CA PRO F 149 -7.40 -2.40 26.41
C PRO F 149 -7.47 -1.01 25.79
N ASN F 150 -7.40 -0.97 24.46
CA ASN F 150 -7.47 0.28 23.72
C ASN F 150 -8.94 0.64 23.61
N PRO F 151 -9.34 1.82 24.13
CA PRO F 151 -10.74 2.25 24.08
C PRO F 151 -11.32 2.35 22.66
N ASN F 152 -10.45 2.50 21.67
CA ASN F 152 -10.90 2.60 20.28
C ASN F 152 -11.15 1.23 19.68
N LEU F 153 -10.56 0.20 20.26
CA LEU F 153 -10.72 -1.16 19.76
C LEU F 153 -11.78 -1.98 20.49
N TYR F 154 -11.89 -1.77 21.80
CA TYR F 154 -12.84 -2.52 22.63
C TYR F 154 -13.82 -1.65 23.40
N GLU F 155 -14.99 -2.21 23.69
CA GLU F 155 -15.99 -1.51 24.47
C GLU F 155 -15.51 -1.43 25.92
#